data_2JG3
#
_entry.id   2JG3
#
_cell.length_a   59.404
_cell.length_b   69.193
_cell.length_c   114.390
_cell.angle_alpha   90.00
_cell.angle_beta   92.16
_cell.angle_gamma   90.00
#
_symmetry.space_group_name_H-M   'P 1 21 1'
#
loop_
_entity.id
_entity.type
_entity.pdbx_description
1 polymer 'MODIFICATION METHYLASE TAQI'
2 polymer "5'-D(*GP*TP*TP*CP*GP*AP*TP*GP*TP*CP)-3'"
3 polymer "5'-D(*GP*AP*CP*AP*TP*CP*GP*6MAP*AP*CP)-3'"
4 non-polymer "5'-DEOXY-5'-(ETHYLAMINO)-8-{[4-({5-[(3AS,4S,6AR)-2-OXOHEXAHYDRO-1H-THIENO[3,4-D]IMIDAZOL-4-YL]PENTANOYL}AMINO)BUTYL]AMINO}ADENOSINE"
5 non-polymer GLYCEROL
6 non-polymer 'POTASSIUM ION'
7 water water
#
loop_
_entity_poly.entity_id
_entity_poly.type
_entity_poly.pdbx_seq_one_letter_code
_entity_poly.pdbx_strand_id
1 'polypeptide(L)'
;MGLPPLLSLPSNSAPRSLGRVETPPEVVDFMVSLAEAPRGGRVLEPACAHGPFLRAFREAHGTAYRFVGVEIDPKALDLP
PWAEGILADFLLWEPGEAFDLILGNPPYGIVGEASKYPIHVFKAVKDLYKKAFSTWKGKYNLYGAFLEKAVRLLKPGGVL
VFVVPATWLVLEDFALLREFLAREGKTSVYYLGEVFPQKKVSAVVIRFQKSGKGLSLWDTQESESGFTPILWAEYPHWEG
EIIRFETEETRKLEISGMPLGDLFHIRFAARSPEFKKHPAVRKEPGPGLVPVLTGRNLKPGWVDYEKNHSGLWMPKERAK
ELRDFYATPHLVVAHTKGTRVVAAWDERAYPWREEFHLLPKEGVRLDPSSLVQWLNSEAMQKHVRTLYRDFVPHLTLRML
ERLPVRREYGFHTSPESARNF
;
A,D
2 'polydeoxyribonucleotide' (DG)(DT)(DT)(DC)(DG)(DA)(DT)(DG)(DT)(DC) B,E
3 'polydeoxyribonucleotide' (DG)(DA)(DC)(DA)(DT)(DC)(DG)(6MA)(DA)(DC) C,F
#
# COMPACT_ATOMS: atom_id res chain seq x y z
N THR A 23 11.21 12.32 -31.44
CA THR A 23 10.49 12.27 -30.12
C THR A 23 11.13 13.31 -29.20
N PRO A 24 10.30 14.09 -28.46
CA PRO A 24 10.88 15.10 -27.56
C PRO A 24 11.78 14.45 -26.51
N PRO A 25 12.92 15.09 -26.17
CA PRO A 25 13.95 14.49 -25.30
C PRO A 25 13.45 14.06 -23.93
N GLU A 26 12.55 14.83 -23.33
CA GLU A 26 11.97 14.49 -22.03
C GLU A 26 11.13 13.23 -22.11
N VAL A 27 10.49 13.00 -23.27
CA VAL A 27 9.70 11.77 -23.50
C VAL A 27 10.65 10.58 -23.65
N VAL A 28 11.74 10.75 -24.40
CA VAL A 28 12.80 9.70 -24.49
C VAL A 28 13.40 9.34 -23.13
N ASP A 29 13.81 10.37 -22.38
CA ASP A 29 14.36 10.17 -21.04
C ASP A 29 13.42 9.44 -20.11
N PHE A 30 12.15 9.83 -20.10
CA PHE A 30 11.16 9.07 -19.33
C PHE A 30 11.05 7.59 -19.74
N MET A 31 10.94 7.32 -21.04
CA MET A 31 10.89 5.94 -21.54
C MET A 31 12.14 5.13 -21.19
N VAL A 32 13.30 5.77 -21.31
CA VAL A 32 14.56 5.13 -21.00
C VAL A 32 14.64 4.78 -19.49
N SER A 33 14.10 5.65 -18.64
CA SER A 33 13.98 5.38 -17.19
C SER A 33 13.12 4.16 -16.86
N LEU A 34 12.24 3.77 -17.79
CA LEU A 34 11.37 2.60 -17.61
C LEU A 34 11.98 1.32 -18.18
N ALA A 35 13.03 1.48 -18.98
CA ALA A 35 13.64 0.35 -19.71
C ALA A 35 14.69 -0.42 -18.90
N GLU A 36 14.74 -1.73 -19.15
CA GLU A 36 15.71 -2.64 -18.52
C GLU A 36 16.14 -3.69 -19.54
N ALA A 37 17.40 -4.09 -19.47
CA ALA A 37 17.89 -5.28 -20.17
C ALA A 37 19.00 -5.94 -19.37
N PRO A 38 19.11 -7.29 -19.45
CA PRO A 38 20.28 -7.96 -18.86
C PRO A 38 21.58 -7.54 -19.56
N ARG A 39 22.70 -7.61 -18.85
CA ARG A 39 24.03 -7.42 -19.45
C ARG A 39 24.20 -8.34 -20.67
N GLY A 40 24.53 -7.74 -21.81
CA GLY A 40 24.70 -8.47 -23.06
C GLY A 40 23.41 -8.70 -23.83
N GLY A 41 22.32 -8.11 -23.33
CA GLY A 41 21.00 -8.31 -23.89
C GLY A 41 20.83 -7.61 -25.23
N ARG A 42 19.93 -8.14 -26.04
CA ARG A 42 19.66 -7.55 -27.35
C ARG A 42 18.64 -6.42 -27.19
N VAL A 43 19.08 -5.22 -27.56
CA VAL A 43 18.26 -4.01 -27.47
C VAL A 43 17.90 -3.52 -28.90
N LEU A 44 16.60 -3.38 -29.22
CA LEU A 44 16.14 -3.00 -30.55
C LEU A 44 15.35 -1.68 -30.56
N GLU A 45 15.68 -0.78 -31.49
CA GLU A 45 14.80 0.36 -31.83
C GLU A 45 14.21 0.19 -33.24
N PRO A 46 12.89 -0.12 -33.34
CA PRO A 46 12.22 -0.16 -34.65
C PRO A 46 11.94 1.26 -35.15
N ALA A 47 11.88 1.43 -36.47
CA ALA A 47 11.67 2.73 -37.10
C ALA A 47 12.66 3.76 -36.55
N CYS A 48 13.95 3.39 -36.57
CA CYS A 48 14.96 4.05 -35.73
C CYS A 48 15.51 5.36 -36.25
N ALA A 49 15.48 5.53 -37.58
CA ALA A 49 16.13 6.66 -38.26
C ALA A 49 17.57 6.78 -37.75
N HIS A 50 17.92 7.88 -37.09
CA HIS A 50 19.27 8.08 -36.50
C HIS A 50 19.51 7.41 -35.11
N GLY A 51 18.48 6.76 -34.57
CA GLY A 51 18.57 5.97 -33.35
C GLY A 51 18.62 6.74 -32.03
N PRO A 52 17.69 7.70 -31.81
CA PRO A 52 17.67 8.47 -30.57
C PRO A 52 17.46 7.61 -29.32
N PHE A 53 16.65 6.57 -29.41
CA PHE A 53 16.44 5.70 -28.25
C PHE A 53 17.65 4.82 -27.91
N LEU A 54 18.29 4.25 -28.93
CA LEU A 54 19.52 3.50 -28.73
C LEU A 54 20.59 4.36 -28.02
N ARG A 55 20.73 5.60 -28.48
CA ARG A 55 21.74 6.53 -27.99
C ARG A 55 21.53 6.88 -26.50
N ALA A 56 20.28 7.20 -26.17
CA ALA A 56 19.85 7.55 -24.82
C ALA A 56 19.95 6.37 -23.88
N PHE A 57 19.59 5.19 -24.36
CA PHE A 57 19.73 3.99 -23.53
C PHE A 57 21.19 3.68 -23.25
N ARG A 58 22.03 3.74 -24.29
CA ARG A 58 23.47 3.53 -24.09
C ARG A 58 24.10 4.57 -23.12
N GLU A 59 23.74 5.83 -23.29
CA GLU A 59 24.19 6.89 -22.38
C GLU A 59 23.84 6.60 -20.93
N ALA A 60 22.64 6.10 -20.71
CA ALA A 60 22.12 5.89 -19.36
C ALA A 60 22.60 4.58 -18.73
N HIS A 61 22.76 3.54 -19.56
CA HIS A 61 23.02 2.19 -19.03
C HIS A 61 24.35 1.55 -19.43
N GLY A 62 25.13 2.21 -20.29
CA GLY A 62 26.41 1.66 -20.70
C GLY A 62 26.41 0.89 -22.02
N THR A 63 27.53 0.26 -22.31
CA THR A 63 27.80 -0.24 -23.67
C THR A 63 27.68 -1.77 -23.82
N ALA A 64 27.57 -2.48 -22.70
CA ALA A 64 27.51 -3.95 -22.73
C ALA A 64 26.11 -4.48 -23.08
N TYR A 65 25.69 -4.15 -24.30
CA TYR A 65 24.44 -4.62 -24.92
C TYR A 65 24.70 -4.76 -26.41
N ARG A 66 23.86 -5.57 -27.08
CA ARG A 66 23.85 -5.69 -28.53
C ARG A 66 22.78 -4.72 -29.10
N PHE A 67 23.22 -3.58 -29.63
CA PHE A 67 22.29 -2.55 -30.14
C PHE A 67 21.93 -2.74 -31.62
N VAL A 68 20.64 -2.81 -31.89
CA VAL A 68 20.08 -3.01 -33.23
C VAL A 68 19.01 -1.97 -33.51
N GLY A 69 19.05 -1.41 -34.73
CA GLY A 69 18.07 -0.47 -35.18
C GLY A 69 17.50 -0.96 -36.52
N VAL A 70 16.19 -0.90 -36.68
CA VAL A 70 15.55 -1.27 -37.96
C VAL A 70 14.81 -0.07 -38.60
N GLU A 71 15.08 0.16 -39.88
CA GLU A 71 14.59 1.35 -40.57
C GLU A 71 14.29 1.04 -42.04
N ILE A 72 13.13 1.51 -42.52
CA ILE A 72 12.72 1.24 -43.92
C ILE A 72 13.33 2.17 -44.97
N ASP A 73 13.66 3.39 -44.57
CA ASP A 73 14.12 4.43 -45.49
C ASP A 73 15.67 4.53 -45.45
N PRO A 74 16.33 4.25 -46.59
CA PRO A 74 17.79 4.36 -46.70
C PRO A 74 18.33 5.76 -46.36
N LYS A 75 17.56 6.78 -46.72
CA LYS A 75 17.89 8.18 -46.42
C LYS A 75 17.85 8.51 -44.92
N ALA A 76 17.09 7.71 -44.15
CA ALA A 76 16.87 7.96 -42.72
C ALA A 76 17.83 7.21 -41.79
N LEU A 77 18.27 6.01 -42.19
CA LEU A 77 19.09 5.16 -41.31
C LEU A 77 20.48 5.76 -41.14
N ASP A 78 20.82 6.17 -39.92
CA ASP A 78 22.08 6.84 -39.68
C ASP A 78 22.52 6.53 -38.24
N LEU A 79 22.86 5.26 -38.00
CA LEU A 79 23.26 4.81 -36.66
C LEU A 79 24.77 4.97 -36.46
N PRO A 80 25.22 5.13 -35.21
CA PRO A 80 26.64 5.08 -34.88
C PRO A 80 27.19 3.68 -35.11
N PRO A 81 28.52 3.55 -35.30
CA PRO A 81 29.07 2.25 -35.67
C PRO A 81 29.02 1.18 -34.57
N TRP A 82 28.67 1.58 -33.34
CA TRP A 82 28.43 0.61 -32.27
C TRP A 82 27.06 -0.10 -32.37
N ALA A 83 26.17 0.41 -33.22
CA ALA A 83 24.88 -0.25 -33.47
C ALA A 83 24.83 -0.92 -34.84
N GLU A 84 24.02 -1.98 -34.95
CA GLU A 84 23.74 -2.61 -36.24
C GLU A 84 22.46 -2.04 -36.88
N GLY A 85 22.59 -1.54 -38.10
CA GLY A 85 21.45 -1.02 -38.85
C GLY A 85 20.96 -2.04 -39.85
N ILE A 86 19.66 -2.19 -39.91
CA ILE A 86 19.03 -3.11 -40.87
C ILE A 86 18.01 -2.29 -41.64
N LEU A 87 18.09 -2.35 -42.97
CA LEU A 87 17.10 -1.73 -43.84
C LEU A 87 15.96 -2.73 -44.16
N ALA A 88 14.79 -2.48 -43.60
CA ALA A 88 13.67 -3.41 -43.67
C ALA A 88 12.39 -2.73 -43.26
N ASP A 89 11.27 -3.23 -43.79
CA ASP A 89 9.96 -2.93 -43.23
C ASP A 89 9.92 -3.73 -41.91
N PHE A 90 9.90 -3.03 -40.77
CA PHE A 90 9.85 -3.69 -39.48
C PHE A 90 8.70 -4.69 -39.35
N LEU A 91 7.55 -4.36 -39.95
CA LEU A 91 6.35 -5.18 -39.85
C LEU A 91 6.45 -6.55 -40.57
N LEU A 92 7.42 -6.70 -41.47
CA LEU A 92 7.60 -7.95 -42.22
C LEU A 92 9.02 -8.52 -42.04
N TRP A 93 9.78 -7.92 -41.14
CA TRP A 93 11.16 -8.31 -40.85
C TRP A 93 11.18 -9.59 -40.01
N GLU A 94 11.95 -10.58 -40.45
CA GLU A 94 12.08 -11.82 -39.70
C GLU A 94 13.53 -12.05 -39.26
N PRO A 95 13.87 -11.57 -38.05
CA PRO A 95 15.21 -11.71 -37.51
C PRO A 95 15.49 -13.14 -37.07
N GLY A 96 16.78 -13.47 -36.92
CA GLY A 96 17.17 -14.80 -36.48
C GLY A 96 16.84 -15.10 -35.03
N GLU A 97 16.99 -14.10 -34.17
CA GLU A 97 16.84 -14.25 -32.71
C GLU A 97 15.91 -13.19 -32.12
N ALA A 98 15.31 -13.48 -30.96
CA ALA A 98 14.44 -12.56 -30.23
C ALA A 98 15.19 -11.52 -29.39
N PHE A 99 14.46 -10.57 -28.83
CA PHE A 99 15.07 -9.40 -28.17
C PHE A 99 14.69 -9.29 -26.71
N ASP A 100 15.61 -8.75 -25.91
CA ASP A 100 15.36 -8.55 -24.49
C ASP A 100 14.64 -7.24 -24.23
N LEU A 101 14.98 -6.24 -25.04
CA LEU A 101 14.39 -4.91 -24.95
C LEU A 101 14.14 -4.32 -26.32
N ILE A 102 12.89 -3.85 -26.50
CA ILE A 102 12.46 -3.15 -27.70
C ILE A 102 11.87 -1.80 -27.27
N LEU A 103 12.44 -0.70 -27.78
CA LEU A 103 11.94 0.62 -27.41
C LEU A 103 11.85 1.57 -28.57
N GLY A 104 10.95 2.53 -28.44
CA GLY A 104 10.91 3.61 -29.41
C GLY A 104 9.56 4.22 -29.68
N ASN A 105 9.45 4.81 -30.87
CA ASN A 105 8.32 5.60 -31.27
C ASN A 105 7.84 5.05 -32.62
N PRO A 106 6.88 4.11 -32.60
CA PRO A 106 6.38 3.61 -33.88
C PRO A 106 5.75 4.70 -34.72
N PRO A 107 5.64 4.48 -36.04
CA PRO A 107 4.83 5.33 -36.88
C PRO A 107 3.33 5.19 -36.52
N TYR A 108 2.58 6.30 -36.61
CA TYR A 108 1.13 6.28 -36.39
C TYR A 108 0.44 6.57 -37.70
N GLY A 109 -0.62 5.83 -38.00
CA GLY A 109 -1.36 6.10 -39.24
C GLY A 109 -2.12 4.89 -39.74
N ILE A 110 -3.33 5.16 -40.25
CA ILE A 110 -4.18 4.21 -40.98
C ILE A 110 -3.66 4.02 -42.41
N VAL A 111 -3.52 2.76 -42.81
CA VAL A 111 -3.17 2.38 -44.17
C VAL A 111 -4.42 2.41 -45.07
N GLY A 112 -4.41 3.28 -46.08
CA GLY A 112 -5.53 3.42 -46.99
C GLY A 112 -5.26 4.40 -48.12
N GLU A 113 -6.26 4.58 -48.97
CA GLU A 113 -6.20 5.49 -50.11
C GLU A 113 -5.74 6.90 -49.68
N ALA A 114 -4.78 7.46 -50.44
CA ALA A 114 -4.14 8.76 -50.18
C ALA A 114 -5.11 9.96 -50.03
N SER A 115 -6.27 9.87 -50.66
CA SER A 115 -7.27 10.94 -50.55
C SER A 115 -7.83 11.08 -49.12
N LYS A 116 -7.77 9.99 -48.35
CA LYS A 116 -8.42 9.97 -47.05
C LYS A 116 -7.49 9.57 -45.92
N TYR A 117 -6.46 8.78 -46.23
CA TYR A 117 -5.61 8.18 -45.21
C TYR A 117 -4.14 8.44 -45.51
N PRO A 118 -3.31 8.52 -44.47
CA PRO A 118 -1.91 8.93 -44.64
C PRO A 118 -0.87 7.85 -45.05
N ILE A 119 -1.17 6.57 -44.86
CA ILE A 119 -0.18 5.52 -45.15
C ILE A 119 -0.54 4.76 -46.41
N HIS A 120 0.38 4.76 -47.38
CA HIS A 120 0.07 4.35 -48.74
C HIS A 120 0.96 3.19 -49.12
N VAL A 121 0.35 2.01 -49.23
CA VAL A 121 1.05 0.79 -49.66
C VAL A 121 0.25 0.03 -50.71
N PHE A 122 0.95 -0.78 -51.50
CA PHE A 122 0.27 -1.67 -52.45
C PHE A 122 -0.76 -2.53 -51.71
N LYS A 123 -1.90 -2.79 -52.37
CA LYS A 123 -2.88 -3.73 -51.82
C LYS A 123 -2.21 -5.02 -51.31
N ALA A 124 -1.28 -5.57 -52.11
CA ALA A 124 -0.58 -6.81 -51.76
C ALA A 124 0.22 -6.75 -50.45
N VAL A 125 0.83 -5.60 -50.16
CA VAL A 125 1.51 -5.38 -48.87
C VAL A 125 0.50 -5.32 -47.72
N LYS A 126 -0.58 -4.56 -47.91
CA LYS A 126 -1.59 -4.53 -46.85
C LYS A 126 -2.13 -5.94 -46.52
N ASP A 127 -2.34 -6.76 -47.56
CA ASP A 127 -2.67 -8.18 -47.36
C ASP A 127 -1.66 -8.96 -46.52
N LEU A 128 -0.36 -8.71 -46.74
CA LEU A 128 0.69 -9.30 -45.93
C LEU A 128 0.65 -8.86 -44.45
N TYR A 129 0.36 -7.59 -44.20
CA TYR A 129 0.13 -7.10 -42.82
C TYR A 129 -1.01 -7.83 -42.13
N LYS A 130 -2.13 -7.93 -42.82
CA LYS A 130 -3.31 -8.61 -42.27
C LYS A 130 -3.04 -10.08 -42.01
N LYS A 131 -2.31 -10.72 -42.93
CA LYS A 131 -1.88 -12.10 -42.71
C LYS A 131 -0.97 -12.19 -41.47
N ALA A 132 -0.06 -11.23 -41.31
CA ALA A 132 0.92 -11.28 -40.24
C ALA A 132 0.36 -11.01 -38.84
N PHE A 133 -0.70 -10.18 -38.76
CA PHE A 133 -1.14 -9.64 -37.46
C PHE A 133 -2.52 -10.09 -37.02
N SER A 134 -2.55 -10.93 -35.98
CA SER A 134 -3.78 -11.45 -35.39
C SER A 134 -4.64 -10.36 -34.75
N THR A 135 -4.03 -9.23 -34.40
CA THR A 135 -4.77 -8.10 -33.80
C THR A 135 -5.35 -7.11 -34.79
N TRP A 136 -5.05 -7.30 -36.09
CA TRP A 136 -5.56 -6.38 -37.16
C TRP A 136 -7.10 -6.40 -37.20
N LYS A 137 -7.72 -5.24 -37.02
CA LYS A 137 -9.16 -5.14 -36.94
C LYS A 137 -9.63 -3.83 -37.57
N GLY A 138 -10.74 -3.89 -38.31
CA GLY A 138 -11.32 -2.76 -39.08
C GLY A 138 -10.26 -2.15 -39.97
N LYS A 139 -10.22 -0.80 -39.99
CA LYS A 139 -9.13 -0.04 -40.62
C LYS A 139 -7.74 -0.21 -39.95
N TYR A 140 -7.72 -0.35 -38.63
CA TYR A 140 -6.50 -0.57 -37.84
C TYR A 140 -5.53 0.60 -37.99
N ASN A 141 -4.25 0.38 -37.68
CA ASN A 141 -3.26 1.44 -37.58
C ASN A 141 -1.87 0.83 -37.55
N LEU A 142 -0.92 1.47 -38.22
CA LEU A 142 0.48 1.07 -38.11
C LEU A 142 0.96 0.87 -36.67
N TYR A 143 0.52 1.73 -35.75
CA TYR A 143 1.05 1.65 -34.38
C TYR A 143 0.61 0.41 -33.63
N GLY A 144 -0.59 -0.05 -33.92
CA GLY A 144 -1.09 -1.34 -33.38
C GLY A 144 -0.27 -2.51 -33.89
N ALA A 145 0.00 -2.51 -35.19
CA ALA A 145 0.77 -3.57 -35.83
C ALA A 145 2.20 -3.56 -35.30
N PHE A 146 2.76 -2.37 -35.10
CA PHE A 146 4.08 -2.22 -34.49
C PHE A 146 4.10 -2.81 -33.08
N LEU A 147 3.05 -2.57 -32.31
CA LEU A 147 2.96 -3.16 -30.96
C LEU A 147 2.91 -4.67 -30.99
N GLU A 148 2.07 -5.22 -31.86
CA GLU A 148 1.95 -6.68 -31.93
C GLU A 148 3.26 -7.34 -32.39
N LYS A 149 3.87 -6.77 -33.42
CA LYS A 149 5.18 -7.23 -33.91
C LYS A 149 6.26 -7.25 -32.82
N ALA A 150 6.37 -6.13 -32.10
CA ALA A 150 7.31 -6.00 -30.98
C ALA A 150 7.11 -7.10 -29.92
N VAL A 151 5.88 -7.34 -29.49
CA VAL A 151 5.58 -8.40 -28.51
C VAL A 151 6.05 -9.75 -29.04
N ARG A 152 5.74 -10.05 -30.31
CA ARG A 152 6.14 -11.31 -30.93
C ARG A 152 7.66 -11.52 -31.00
N LEU A 153 8.40 -10.41 -31.05
CA LEU A 153 9.88 -10.40 -31.11
C LEU A 153 10.61 -10.41 -29.77
N LEU A 154 9.85 -10.29 -28.68
CA LEU A 154 10.39 -10.32 -27.34
C LEU A 154 10.64 -11.77 -26.90
N LYS A 155 11.76 -11.97 -26.21
CA LYS A 155 12.00 -13.20 -25.45
C LYS A 155 10.96 -13.25 -24.33
N PRO A 156 10.71 -14.45 -23.75
CA PRO A 156 10.01 -14.54 -22.45
C PRO A 156 10.66 -13.65 -21.39
N GLY A 157 9.85 -12.81 -20.73
CA GLY A 157 10.38 -11.84 -19.77
C GLY A 157 10.97 -10.58 -20.40
N GLY A 158 10.90 -10.49 -21.72
CA GLY A 158 11.39 -9.31 -22.44
C GLY A 158 10.55 -8.08 -22.14
N VAL A 159 11.10 -6.91 -22.42
CA VAL A 159 10.43 -5.66 -22.12
C VAL A 159 10.31 -4.82 -23.41
N LEU A 160 9.13 -4.24 -23.64
CA LEU A 160 9.00 -3.19 -24.64
C LEU A 160 8.57 -1.91 -23.96
N VAL A 161 9.04 -0.77 -24.48
CA VAL A 161 8.58 0.55 -24.03
C VAL A 161 8.34 1.42 -25.27
N PHE A 162 7.08 1.73 -25.60
CA PHE A 162 6.74 2.48 -26.82
C PHE A 162 5.94 3.71 -26.42
N VAL A 163 6.05 4.80 -27.16
CA VAL A 163 5.06 5.93 -27.09
C VAL A 163 4.15 5.87 -28.33
N VAL A 164 2.82 5.88 -28.09
CA VAL A 164 1.79 5.63 -29.10
C VAL A 164 0.56 6.53 -28.78
N PRO A 165 -0.35 6.73 -29.74
CA PRO A 165 -1.59 7.41 -29.35
C PRO A 165 -2.36 6.69 -28.23
N ALA A 166 -3.23 7.43 -27.54
CA ALA A 166 -4.02 6.88 -26.43
C ALA A 166 -5.24 6.16 -26.92
N THR A 167 -5.45 6.17 -28.24
CA THR A 167 -6.73 5.76 -28.76
C THR A 167 -7.01 4.28 -28.52
N TRP A 168 -5.95 3.47 -28.45
CA TRP A 168 -6.08 2.03 -28.18
C TRP A 168 -6.70 1.68 -26.81
N LEU A 169 -6.65 2.59 -25.85
CA LEU A 169 -7.23 2.31 -24.52
C LEU A 169 -8.75 2.17 -24.63
N VAL A 170 -9.36 2.88 -25.58
CA VAL A 170 -10.84 2.92 -25.64
C VAL A 170 -11.53 2.35 -26.90
N LEU A 171 -10.89 2.39 -28.05
CA LEU A 171 -11.56 2.15 -29.35
C LEU A 171 -11.79 0.69 -29.74
N GLU A 172 -12.90 0.40 -30.45
CA GLU A 172 -13.21 -0.97 -30.88
C GLU A 172 -12.11 -1.60 -31.76
N ASP A 173 -11.50 -0.79 -32.63
CA ASP A 173 -10.47 -1.24 -33.56
C ASP A 173 -9.32 -1.91 -32.85
N PHE A 174 -9.12 -1.54 -31.58
CA PHE A 174 -8.05 -2.07 -30.79
C PHE A 174 -8.45 -3.09 -29.72
N ALA A 175 -9.65 -3.66 -29.82
CA ALA A 175 -10.04 -4.66 -28.84
C ALA A 175 -9.16 -5.92 -28.89
N LEU A 176 -8.78 -6.36 -30.09
CA LEU A 176 -7.96 -7.58 -30.20
C LEU A 176 -6.54 -7.34 -29.67
N LEU A 177 -6.07 -6.10 -29.85
CA LEU A 177 -4.78 -5.68 -29.34
C LEU A 177 -4.75 -5.65 -27.78
N ARG A 178 -5.78 -5.09 -27.17
CA ARG A 178 -5.89 -5.06 -25.71
C ARG A 178 -5.92 -6.48 -25.12
N GLU A 179 -6.74 -7.36 -25.70
CA GLU A 179 -6.84 -8.77 -25.30
C GLU A 179 -5.53 -9.55 -25.52
N PHE A 180 -4.82 -9.22 -26.59
CA PHE A 180 -3.53 -9.85 -26.92
C PHE A 180 -2.49 -9.49 -25.85
N LEU A 181 -2.32 -8.20 -25.60
CA LEU A 181 -1.47 -7.72 -24.50
C LEU A 181 -1.81 -8.35 -23.14
N ALA A 182 -3.09 -8.37 -22.78
CA ALA A 182 -3.56 -8.91 -21.51
C ALA A 182 -3.15 -10.36 -21.28
N ARG A 183 -3.13 -11.17 -22.34
CA ARG A 183 -2.82 -12.58 -22.22
C ARG A 183 -1.34 -12.91 -22.49
N GLU A 184 -0.64 -12.02 -23.17
CA GLU A 184 0.81 -12.21 -23.46
C GLU A 184 1.78 -11.81 -22.32
N GLY A 185 1.32 -11.01 -21.36
CA GLY A 185 2.23 -10.46 -20.35
C GLY A 185 1.58 -9.43 -19.44
N LYS A 186 2.40 -8.58 -18.84
CA LYS A 186 1.90 -7.53 -17.94
C LYS A 186 2.14 -6.16 -18.55
N THR A 187 1.19 -5.26 -18.30
CA THR A 187 1.15 -3.97 -18.99
C THR A 187 1.09 -2.81 -18.00
N SER A 188 1.96 -1.82 -18.22
CA SER A 188 1.83 -0.52 -17.55
C SER A 188 1.57 0.56 -18.57
N VAL A 189 0.57 1.39 -18.32
CA VAL A 189 0.20 2.48 -19.24
C VAL A 189 0.41 3.78 -18.49
N TYR A 190 1.11 4.73 -19.13
CA TYR A 190 1.47 6.02 -18.51
C TYR A 190 0.90 7.10 -19.42
N TYR A 191 -0.06 7.87 -18.91
CA TYR A 191 -0.71 8.89 -19.74
C TYR A 191 0.17 10.14 -19.82
N LEU A 192 0.44 10.62 -21.05
CA LEU A 192 1.22 11.84 -21.22
C LEU A 192 0.36 12.98 -21.78
N GLY A 193 -0.53 12.64 -22.70
CA GLY A 193 -1.35 13.63 -23.37
C GLY A 193 -0.62 14.23 -24.56
N GLU A 194 -0.95 15.49 -24.87
CA GLU A 194 -0.50 16.13 -26.10
C GLU A 194 0.94 16.63 -25.98
N VAL A 195 1.90 15.69 -26.08
CA VAL A 195 3.33 16.01 -25.85
C VAL A 195 4.18 16.23 -27.12
N PHE A 196 3.60 15.99 -28.29
CA PHE A 196 4.29 16.27 -29.56
C PHE A 196 3.86 17.66 -30.05
N PRO A 197 4.78 18.63 -30.00
CA PRO A 197 4.49 19.95 -30.57
C PRO A 197 4.11 19.84 -32.05
N GLN A 198 3.11 20.60 -32.45
CA GLN A 198 2.63 20.61 -33.83
C GLN A 198 2.17 19.23 -34.38
N LYS A 199 1.87 18.30 -33.48
CA LYS A 199 1.14 17.06 -33.84
C LYS A 199 -0.08 16.89 -32.95
N LYS A 200 -1.24 16.67 -33.58
CA LYS A 200 -2.53 16.59 -32.90
C LYS A 200 -2.81 15.13 -32.53
N VAL A 201 -2.24 14.73 -31.39
CA VAL A 201 -2.36 13.37 -30.84
C VAL A 201 -2.17 13.44 -29.33
N SER A 202 -2.97 12.67 -28.61
CA SER A 202 -2.80 12.51 -27.17
C SER A 202 -2.10 11.17 -26.98
N ALA A 203 -0.94 11.20 -26.32
CA ALA A 203 -0.08 10.04 -26.27
C ALA A 203 -0.03 9.35 -24.91
N VAL A 204 0.34 8.08 -24.94
CA VAL A 204 0.65 7.35 -23.72
C VAL A 204 1.96 6.59 -23.94
N VAL A 205 2.61 6.22 -22.84
CA VAL A 205 3.70 5.28 -22.91
C VAL A 205 3.11 3.93 -22.51
N ILE A 206 3.53 2.87 -23.19
CA ILE A 206 3.25 1.54 -22.74
C ILE A 206 4.55 0.84 -22.39
N ARG A 207 4.59 0.30 -21.18
CA ARG A 207 5.63 -0.60 -20.77
C ARG A 207 4.99 -1.98 -20.66
N PHE A 208 5.44 -2.87 -21.52
CA PHE A 208 4.96 -4.25 -21.55
C PHE A 208 6.11 -5.20 -21.17
N GLN A 209 5.83 -6.20 -20.33
CA GLN A 209 6.81 -7.26 -20.03
C GLN A 209 6.21 -8.63 -20.38
N LYS A 210 6.97 -9.44 -21.10
CA LYS A 210 6.43 -10.69 -21.64
C LYS A 210 6.45 -11.79 -20.58
N SER A 211 5.66 -11.58 -19.54
CA SER A 211 5.62 -12.41 -18.32
C SER A 211 4.61 -11.79 -17.34
N GLY A 212 4.14 -12.58 -16.39
CA GLY A 212 3.12 -12.13 -15.46
C GLY A 212 1.83 -11.75 -16.16
N LYS A 213 1.02 -10.93 -15.51
CA LYS A 213 -0.28 -10.54 -16.03
C LYS A 213 -0.70 -9.27 -15.31
N GLY A 214 -1.79 -8.67 -15.80
CA GLY A 214 -2.36 -7.47 -15.19
C GLY A 214 -2.08 -6.17 -15.94
N LEU A 215 -2.77 -5.13 -15.49
CA LEU A 215 -2.65 -3.77 -16.03
C LEU A 215 -2.39 -2.80 -14.86
N SER A 216 -1.45 -1.86 -15.06
CA SER A 216 -1.26 -0.76 -14.12
C SER A 216 -1.44 0.51 -14.93
N LEU A 217 -2.31 1.41 -14.46
CA LEU A 217 -2.51 2.73 -15.06
C LEU A 217 -1.88 3.83 -14.24
N TRP A 218 -1.14 4.71 -14.94
CA TRP A 218 -0.35 5.75 -14.31
C TRP A 218 -0.68 7.09 -14.98
N ASP A 219 -0.77 8.12 -14.16
CA ASP A 219 -0.83 9.48 -14.66
C ASP A 219 0.64 9.95 -14.60
N THR A 220 0.94 11.13 -15.13
CA THR A 220 2.27 11.72 -15.03
C THR A 220 2.13 13.21 -14.72
N GLN A 221 3.19 13.76 -14.15
CA GLN A 221 3.37 15.20 -14.01
C GLN A 221 4.66 15.59 -14.68
N GLU A 222 4.63 16.67 -15.46
CA GLU A 222 5.80 17.14 -16.16
C GLU A 222 6.46 18.28 -15.39
N SER A 223 7.77 18.18 -15.21
CA SER A 223 8.55 19.26 -14.65
C SER A 223 9.72 19.56 -15.56
N GLU A 224 10.46 20.62 -15.23
CA GLU A 224 11.75 20.93 -15.85
C GLU A 224 12.59 19.65 -15.88
N SER A 225 12.72 19.03 -14.70
CA SER A 225 13.35 17.73 -14.49
C SER A 225 12.91 16.55 -15.40
N GLY A 226 11.76 16.67 -16.07
CA GLY A 226 11.20 15.56 -16.87
C GLY A 226 9.85 15.10 -16.35
N PHE A 227 9.37 13.95 -16.81
CA PHE A 227 8.09 13.38 -16.36
C PHE A 227 8.22 12.52 -15.12
N THR A 228 7.26 12.62 -14.22
CA THR A 228 7.19 11.80 -12.98
C THR A 228 5.91 10.98 -13.03
N PRO A 229 6.01 9.64 -12.91
CA PRO A 229 4.82 8.78 -12.86
C PRO A 229 4.09 8.84 -11.53
N ILE A 230 2.76 8.81 -11.59
CA ILE A 230 1.87 8.77 -10.42
C ILE A 230 0.91 7.62 -10.65
N LEU A 231 0.94 6.63 -9.77
CA LEU A 231 0.09 5.48 -9.91
C LEU A 231 -1.36 5.87 -9.71
N TRP A 232 -2.18 5.52 -10.69
CA TRP A 232 -3.61 5.82 -10.64
C TRP A 232 -4.44 4.63 -10.16
N ALA A 233 -4.30 3.48 -10.83
CA ALA A 233 -5.13 2.31 -10.52
C ALA A 233 -4.45 1.05 -11.02
N GLU A 234 -4.84 -0.09 -10.46
CA GLU A 234 -4.33 -1.40 -10.87
C GLU A 234 -5.47 -2.37 -11.14
N TYR A 235 -5.32 -3.16 -12.20
CA TYR A 235 -6.33 -4.12 -12.62
C TYR A 235 -5.59 -5.44 -12.78
N PRO A 236 -5.38 -6.16 -11.66
CA PRO A 236 -4.55 -7.37 -11.73
C PRO A 236 -5.12 -8.49 -12.61
N HIS A 237 -6.43 -8.45 -12.84
CA HIS A 237 -7.09 -9.50 -13.61
C HIS A 237 -7.52 -9.01 -14.98
N TRP A 238 -6.87 -7.94 -15.46
CA TRP A 238 -7.19 -7.33 -16.76
C TRP A 238 -7.17 -8.38 -17.87
N GLU A 239 -8.26 -8.45 -18.64
CA GLU A 239 -8.37 -9.36 -19.78
C GLU A 239 -8.52 -8.61 -21.11
N GLY A 240 -8.25 -7.31 -21.11
CA GLY A 240 -8.34 -6.48 -22.33
C GLY A 240 -9.51 -5.49 -22.43
N GLU A 241 -10.21 -5.31 -21.31
CA GLU A 241 -11.32 -4.35 -21.25
C GLU A 241 -10.84 -2.93 -21.57
N ILE A 242 -11.77 -2.08 -22.00
CA ILE A 242 -11.49 -0.65 -22.14
C ILE A 242 -10.81 -0.12 -20.88
N ILE A 243 -9.82 0.77 -21.06
CA ILE A 243 -9.01 1.35 -19.96
C ILE A 243 -9.51 2.76 -19.77
N ARG A 244 -9.85 3.11 -18.53
CA ARG A 244 -10.41 4.42 -18.18
C ARG A 244 -9.74 4.92 -16.91
N PHE A 245 -9.79 6.23 -16.66
CA PHE A 245 -9.39 6.82 -15.37
C PHE A 245 -10.61 6.90 -14.45
N GLU A 246 -10.83 5.84 -13.68
CA GLU A 246 -12.00 5.74 -12.81
C GLU A 246 -11.66 6.35 -11.46
N THR A 247 -12.67 6.97 -10.83
CA THR A 247 -12.52 7.51 -9.48
C THR A 247 -13.68 6.97 -8.63
N GLU A 248 -13.60 7.26 -7.33
CA GLU A 248 -14.71 7.00 -6.42
C GLU A 248 -15.99 7.68 -6.89
N GLU A 249 -15.86 8.90 -7.41
CA GLU A 249 -17.00 9.62 -7.98
C GLU A 249 -17.57 9.02 -9.28
N THR A 250 -16.71 8.57 -10.20
CA THR A 250 -17.24 7.95 -11.42
C THR A 250 -17.97 6.65 -11.11
N ARG A 251 -17.45 5.86 -10.16
CA ARG A 251 -18.13 4.63 -9.74
C ARG A 251 -19.49 4.89 -9.08
N LYS A 252 -19.59 5.95 -8.27
CA LYS A 252 -20.81 6.32 -7.55
C LYS A 252 -21.91 6.74 -8.51
N LEU A 253 -21.52 7.47 -9.55
CA LEU A 253 -22.45 7.92 -10.56
C LEU A 253 -22.92 6.74 -11.39
N GLU A 254 -21.99 5.89 -11.84
CA GLU A 254 -22.35 4.73 -12.66
C GLU A 254 -23.36 3.78 -12.01
N ILE A 255 -23.25 3.56 -10.71
CA ILE A 255 -24.23 2.70 -10.04
C ILE A 255 -25.53 3.43 -9.64
N SER A 256 -25.58 4.74 -9.85
CA SER A 256 -26.75 5.55 -9.47
C SER A 256 -27.96 5.35 -10.40
N GLY A 257 -27.70 4.87 -11.60
CA GLY A 257 -28.78 4.70 -12.57
C GLY A 257 -28.53 3.61 -13.58
N MET A 258 -29.48 3.44 -14.50
CA MET A 258 -29.35 2.46 -15.58
C MET A 258 -28.44 3.05 -16.66
N PRO A 259 -27.56 2.22 -17.25
CA PRO A 259 -26.80 2.68 -18.41
C PRO A 259 -27.72 3.09 -19.58
N LEU A 260 -27.32 4.11 -20.31
CA LEU A 260 -28.10 4.62 -21.42
C LEU A 260 -28.40 3.51 -22.45
N GLY A 261 -27.44 2.61 -22.62
CA GLY A 261 -27.51 1.55 -23.62
C GLY A 261 -28.58 0.54 -23.32
N ASP A 262 -29.00 0.47 -22.05
CA ASP A 262 -30.10 -0.43 -21.68
C ASP A 262 -31.46 0.24 -21.89
N LEU A 263 -31.45 1.57 -22.09
CA LEU A 263 -32.71 2.30 -22.33
C LEU A 263 -33.01 2.54 -23.80
N PHE A 264 -31.94 2.65 -24.61
CA PHE A 264 -32.04 3.00 -26.03
C PHE A 264 -31.31 2.04 -26.96
N HIS A 265 -31.90 1.85 -28.14
CA HIS A 265 -31.14 1.37 -29.29
C HIS A 265 -30.30 2.54 -29.79
N ILE A 266 -28.99 2.33 -29.94
CA ILE A 266 -28.10 3.40 -30.42
C ILE A 266 -27.65 3.12 -31.87
N ARG A 267 -28.01 4.04 -32.76
CA ARG A 267 -27.76 3.95 -34.21
C ARG A 267 -26.98 5.18 -34.66
N PHE A 268 -26.30 5.05 -35.80
CA PHE A 268 -25.56 6.19 -36.32
C PHE A 268 -26.28 6.72 -37.55
N ALA A 269 -25.99 7.98 -37.88
CA ALA A 269 -26.53 8.57 -39.09
C ALA A 269 -26.08 7.82 -40.32
N ALA A 270 -26.93 7.85 -41.35
CA ALA A 270 -26.47 7.48 -42.67
C ALA A 270 -25.24 8.33 -43.05
N ARG A 271 -24.36 7.75 -43.86
CA ARG A 271 -23.06 8.38 -44.15
C ARG A 271 -23.17 9.28 -45.39
N SER A 272 -22.24 10.23 -45.54
CA SER A 272 -22.31 11.18 -46.68
C SER A 272 -22.56 10.56 -48.10
N PRO A 273 -21.86 9.45 -48.48
CA PRO A 273 -22.07 8.93 -49.83
C PRO A 273 -23.48 8.42 -50.10
N GLU A 274 -24.17 7.94 -49.06
CA GLU A 274 -25.55 7.45 -49.23
C GLU A 274 -26.49 8.58 -49.63
N PHE A 275 -26.31 9.72 -48.96
CA PHE A 275 -27.04 10.97 -49.26
C PHE A 275 -26.71 11.48 -50.67
N LYS A 276 -25.42 11.61 -50.96
CA LYS A 276 -24.91 12.14 -52.24
C LYS A 276 -25.42 11.43 -53.47
N LYS A 277 -25.61 10.12 -53.38
CA LYS A 277 -26.13 9.37 -54.54
C LYS A 277 -27.64 9.17 -54.51
N HIS A 278 -28.29 9.44 -53.37
CA HIS A 278 -29.77 9.39 -53.31
C HIS A 278 -30.47 10.36 -54.28
N PRO A 279 -31.39 9.84 -55.12
CA PRO A 279 -31.97 10.73 -56.12
C PRO A 279 -32.82 11.90 -55.59
N ALA A 280 -33.26 11.86 -54.33
CA ALA A 280 -34.05 12.97 -53.77
C ALA A 280 -33.17 14.07 -53.18
N VAL A 281 -31.85 13.81 -53.13
CA VAL A 281 -30.94 14.76 -52.51
C VAL A 281 -30.45 15.78 -53.56
N ARG A 282 -30.38 17.05 -53.16
CA ARG A 282 -30.00 18.15 -54.06
C ARG A 282 -28.82 18.91 -53.46
N LYS A 283 -28.08 19.65 -54.29
CA LYS A 283 -26.92 20.39 -53.81
C LYS A 283 -27.24 21.88 -53.69
N GLU A 284 -28.53 22.21 -53.82
CA GLU A 284 -28.97 23.60 -53.74
C GLU A 284 -30.32 23.66 -53.02
N PRO A 285 -30.58 24.75 -52.25
CA PRO A 285 -31.88 24.86 -51.58
C PRO A 285 -33.03 24.98 -52.57
N GLY A 286 -34.25 24.77 -52.09
CA GLY A 286 -35.40 24.76 -52.98
C GLY A 286 -36.70 24.48 -52.25
N PRO A 287 -37.85 24.64 -52.93
CA PRO A 287 -39.08 24.50 -52.15
C PRO A 287 -39.32 23.04 -51.75
N GLY A 288 -39.81 22.86 -50.53
CA GLY A 288 -39.98 21.53 -49.96
C GLY A 288 -38.69 20.88 -49.51
N LEU A 289 -37.57 21.58 -49.70
CA LEU A 289 -36.24 21.06 -49.37
C LEU A 289 -35.68 21.58 -48.03
N VAL A 290 -35.08 20.65 -47.30
CA VAL A 290 -34.57 20.87 -45.96
C VAL A 290 -33.06 20.53 -45.91
N PRO A 291 -32.27 21.27 -45.11
CA PRO A 291 -30.87 20.83 -45.03
C PRO A 291 -30.70 19.43 -44.43
N VAL A 292 -29.71 18.69 -44.94
CA VAL A 292 -29.17 17.52 -44.26
C VAL A 292 -28.20 17.98 -43.16
N LEU A 293 -28.55 17.64 -41.92
CA LEU A 293 -27.90 18.23 -40.77
C LEU A 293 -26.60 17.50 -40.40
N THR A 294 -25.65 18.24 -39.83
CA THR A 294 -24.38 17.68 -39.42
C THR A 294 -24.18 17.99 -37.92
N GLY A 295 -23.02 17.65 -37.40
CA GLY A 295 -22.68 18.04 -36.03
C GLY A 295 -22.73 19.54 -35.75
N ARG A 296 -22.57 20.36 -36.80
CA ARG A 296 -22.64 21.84 -36.66
C ARG A 296 -24.07 22.34 -36.48
N ASN A 297 -25.05 21.47 -36.71
CA ASN A 297 -26.46 21.82 -36.48
C ASN A 297 -26.95 21.47 -35.07
N LEU A 298 -26.14 20.67 -34.37
CA LEU A 298 -26.45 20.19 -33.02
C LEU A 298 -25.78 21.04 -31.95
N LYS A 299 -26.59 21.59 -31.04
CA LYS A 299 -26.09 22.39 -29.93
C LYS A 299 -26.63 21.74 -28.65
N PRO A 300 -26.06 22.12 -27.48
CA PRO A 300 -26.61 21.60 -26.22
C PRO A 300 -28.05 22.04 -25.99
N GLY A 301 -28.99 21.12 -26.23
CA GLY A 301 -30.39 21.38 -25.96
C GLY A 301 -31.25 21.88 -27.12
N TRP A 302 -30.65 22.11 -28.29
CA TRP A 302 -31.43 22.53 -29.45
C TRP A 302 -30.75 22.18 -30.78
N VAL A 303 -31.57 22.14 -31.82
CA VAL A 303 -31.12 21.88 -33.18
C VAL A 303 -31.36 23.13 -34.01
N ASP A 304 -30.31 23.59 -34.71
CA ASP A 304 -30.46 24.58 -35.79
C ASP A 304 -30.92 23.88 -37.07
N TYR A 305 -32.19 24.12 -37.46
CA TYR A 305 -32.75 23.48 -38.65
C TYR A 305 -32.52 24.28 -39.93
N GLU A 306 -32.01 25.50 -39.83
CA GLU A 306 -32.00 26.41 -41.00
C GLU A 306 -30.67 26.40 -41.75
N LYS A 307 -29.58 26.35 -41.00
CA LYS A 307 -28.23 26.50 -41.53
C LYS A 307 -27.75 25.22 -42.16
N ASN A 308 -27.23 25.34 -43.38
CA ASN A 308 -26.70 24.18 -44.07
C ASN A 308 -25.18 24.11 -44.02
N HIS A 309 -24.69 22.98 -43.51
CA HIS A 309 -23.27 22.73 -43.36
C HIS A 309 -22.79 21.55 -44.19
N SER A 310 -23.72 20.80 -44.77
CA SER A 310 -23.38 19.61 -45.54
C SER A 310 -23.32 19.86 -47.06
N GLY A 311 -23.86 20.98 -47.54
CA GLY A 311 -24.04 21.21 -48.98
C GLY A 311 -25.14 20.34 -49.60
N LEU A 312 -25.93 19.69 -48.75
CA LEU A 312 -26.98 18.76 -49.19
C LEU A 312 -28.37 19.18 -48.67
N TRP A 313 -29.39 19.00 -49.53
CA TRP A 313 -30.78 19.31 -49.21
C TRP A 313 -31.66 18.20 -49.75
N MET A 314 -32.73 17.89 -49.00
CA MET A 314 -33.71 16.92 -49.48
C MET A 314 -35.11 17.20 -48.90
N PRO A 315 -36.14 16.59 -49.49
CA PRO A 315 -37.45 16.60 -48.84
C PRO A 315 -37.35 15.83 -47.52
N LYS A 316 -37.81 16.46 -46.45
CA LYS A 316 -37.87 15.87 -45.14
C LYS A 316 -38.55 14.49 -45.13
N GLU A 317 -39.66 14.35 -45.87
CA GLU A 317 -40.47 13.12 -45.90
C GLU A 317 -39.78 11.92 -46.59
N ARG A 318 -38.76 12.21 -47.40
CA ARG A 318 -37.96 11.20 -48.05
C ARG A 318 -36.81 10.68 -47.21
N ALA A 319 -36.55 11.32 -46.04
CA ALA A 319 -35.41 10.93 -45.18
C ALA A 319 -35.47 9.50 -44.68
N LYS A 320 -36.68 9.03 -44.42
CA LYS A 320 -36.89 7.65 -43.95
C LYS A 320 -36.41 6.56 -44.92
N GLU A 321 -36.26 6.91 -46.20
CA GLU A 321 -35.70 6.03 -47.22
C GLU A 321 -34.22 5.70 -46.94
N LEU A 322 -33.52 6.60 -46.28
CA LEU A 322 -32.13 6.32 -45.86
C LEU A 322 -32.07 5.59 -44.53
N ARG A 323 -32.77 6.13 -43.54
CA ARG A 323 -32.95 5.46 -42.24
C ARG A 323 -34.40 5.62 -41.78
N ASP A 324 -35.09 4.50 -41.57
CA ASP A 324 -36.45 4.52 -41.02
C ASP A 324 -36.67 5.45 -39.81
N PHE A 325 -35.69 5.51 -38.90
CA PHE A 325 -35.84 6.33 -37.70
C PHE A 325 -35.82 7.85 -37.92
N TYR A 326 -35.50 8.30 -39.15
CA TYR A 326 -35.57 9.73 -39.49
C TYR A 326 -37.01 10.27 -39.53
N ALA A 327 -38.01 9.38 -39.64
CA ALA A 327 -39.43 9.78 -39.61
C ALA A 327 -39.98 10.13 -38.22
N THR A 328 -39.24 9.75 -37.18
CA THR A 328 -39.69 9.79 -35.79
C THR A 328 -38.87 10.79 -34.97
N PRO A 329 -39.54 11.72 -34.24
CA PRO A 329 -38.82 12.59 -33.33
C PRO A 329 -38.07 11.73 -32.31
N HIS A 330 -36.82 12.07 -32.02
CA HIS A 330 -35.95 11.28 -31.14
C HIS A 330 -34.71 12.02 -30.64
N LEU A 331 -34.05 11.42 -29.66
CA LEU A 331 -32.85 11.98 -29.06
C LEU A 331 -31.63 11.81 -29.96
N VAL A 332 -30.87 12.90 -30.09
CA VAL A 332 -29.58 12.93 -30.80
C VAL A 332 -28.45 13.29 -29.86
N VAL A 333 -27.32 12.59 -29.99
CA VAL A 333 -26.13 12.81 -29.19
C VAL A 333 -24.93 12.95 -30.14
N ALA A 334 -24.09 13.96 -29.88
CA ALA A 334 -22.96 14.31 -30.73
C ALA A 334 -21.82 13.30 -30.63
N HIS A 335 -21.13 13.15 -31.74
CA HIS A 335 -20.01 12.22 -31.85
C HIS A 335 -18.68 12.97 -31.96
N THR A 336 -18.69 14.15 -32.58
CA THR A 336 -17.40 14.84 -32.82
C THR A 336 -17.37 16.24 -32.24
N LYS A 337 -17.46 16.31 -30.91
CA LYS A 337 -17.32 17.59 -30.20
C LYS A 337 -16.30 17.45 -29.08
N GLY A 338 -15.39 16.49 -29.25
CA GLY A 338 -14.46 16.16 -28.19
C GLY A 338 -15.10 15.26 -27.16
N THR A 339 -14.43 15.08 -26.05
CA THR A 339 -14.99 14.19 -25.05
C THR A 339 -15.96 14.96 -24.16
N ARG A 340 -17.22 14.93 -24.59
CA ARG A 340 -18.31 15.56 -23.88
C ARG A 340 -19.61 15.03 -24.38
N VAL A 341 -20.68 15.43 -23.71
CA VAL A 341 -22.01 14.91 -24.00
C VAL A 341 -22.89 16.09 -24.39
N VAL A 342 -23.16 16.19 -25.66
CA VAL A 342 -24.00 17.25 -26.18
C VAL A 342 -25.22 16.56 -26.78
N ALA A 343 -26.40 16.90 -26.29
CA ALA A 343 -27.62 16.19 -26.64
C ALA A 343 -28.75 17.17 -26.94
N ALA A 344 -29.66 16.79 -27.85
CA ALA A 344 -30.88 17.53 -28.15
C ALA A 344 -31.98 16.60 -28.63
N TRP A 345 -33.21 17.06 -28.48
CA TRP A 345 -34.35 16.32 -28.96
C TRP A 345 -34.68 16.86 -30.34
N ASP A 346 -34.58 16.01 -31.35
CA ASP A 346 -35.01 16.43 -32.68
C ASP A 346 -36.52 16.25 -32.76
N GLU A 347 -37.22 17.33 -32.43
CA GLU A 347 -38.69 17.39 -32.47
C GLU A 347 -39.24 17.20 -33.89
N ARG A 348 -38.56 17.80 -34.86
CA ARG A 348 -39.03 17.85 -36.23
C ARG A 348 -38.79 16.59 -37.06
N ALA A 349 -37.82 15.77 -36.69
CA ALA A 349 -37.48 14.53 -37.42
C ALA A 349 -36.90 14.82 -38.81
N TYR A 350 -35.69 15.39 -38.83
CA TYR A 350 -34.96 15.74 -40.04
C TYR A 350 -33.95 14.69 -40.50
N PRO A 351 -33.47 14.81 -41.74
CA PRO A 351 -32.34 13.99 -42.20
C PRO A 351 -31.02 14.45 -41.54
N TRP A 352 -30.26 13.51 -40.96
CA TRP A 352 -28.91 13.78 -40.44
C TRP A 352 -27.83 13.01 -41.20
N ARG A 353 -26.70 13.67 -41.40
CA ARG A 353 -25.47 13.07 -41.97
C ARG A 353 -24.53 12.59 -40.89
N GLU A 354 -24.73 13.08 -39.66
CA GLU A 354 -23.84 12.75 -38.54
C GLU A 354 -24.62 12.51 -37.26
N GLU A 355 -23.89 12.03 -36.24
CA GLU A 355 -24.32 11.92 -34.84
C GLU A 355 -25.00 10.60 -34.49
N PHE A 356 -25.11 10.33 -33.19
CA PHE A 356 -25.85 9.18 -32.70
C PHE A 356 -27.36 9.44 -32.62
N HIS A 357 -28.16 8.42 -32.97
CA HIS A 357 -29.62 8.49 -32.95
C HIS A 357 -30.13 7.40 -32.04
N LEU A 358 -30.84 7.83 -30.98
CA LEU A 358 -31.17 6.94 -29.86
C LEU A 358 -32.68 6.74 -29.86
N LEU A 359 -33.09 5.50 -30.05
CA LEU A 359 -34.50 5.13 -30.06
C LEU A 359 -34.83 4.27 -28.85
N PRO A 360 -35.84 4.67 -28.05
CA PRO A 360 -36.16 3.95 -26.83
C PRO A 360 -36.50 2.49 -27.08
N LYS A 361 -36.01 1.61 -26.23
CA LYS A 361 -36.35 0.18 -26.31
C LYS A 361 -37.78 -0.03 -25.82
N GLU A 362 -38.38 -1.15 -26.22
CA GLU A 362 -39.73 -1.57 -25.75
C GLU A 362 -39.92 -1.44 -24.24
N GLY A 363 -40.97 -0.73 -23.83
CA GLY A 363 -41.33 -0.54 -22.43
C GLY A 363 -40.54 0.52 -21.68
N VAL A 364 -39.76 1.32 -22.41
CA VAL A 364 -39.01 2.43 -21.82
C VAL A 364 -39.86 3.70 -21.76
N ARG A 365 -39.96 4.26 -20.57
CA ARG A 365 -40.59 5.55 -20.32
C ARG A 365 -39.52 6.65 -20.27
N LEU A 366 -39.69 7.69 -21.08
CA LEU A 366 -38.75 8.81 -21.03
C LEU A 366 -39.43 10.16 -20.76
N ASP A 367 -38.64 11.07 -20.18
CA ASP A 367 -39.00 12.47 -20.11
C ASP A 367 -37.93 13.19 -20.92
N PRO A 368 -38.17 13.37 -22.24
CA PRO A 368 -37.15 13.94 -23.14
C PRO A 368 -36.48 15.22 -22.61
N SER A 369 -37.28 16.18 -22.16
CA SER A 369 -36.79 17.47 -21.70
C SER A 369 -35.79 17.37 -20.54
N SER A 370 -36.08 16.57 -19.61
CA SER A 370 -35.22 16.42 -18.44
C SER A 370 -34.04 15.50 -18.74
N LEU A 371 -34.20 14.48 -19.53
CA LEU A 371 -33.07 13.65 -19.94
C LEU A 371 -32.02 14.46 -20.69
N VAL A 372 -32.46 15.25 -21.68
CA VAL A 372 -31.56 16.14 -22.42
C VAL A 372 -30.82 17.07 -21.44
N GLN A 373 -31.55 17.67 -20.50
CA GLN A 373 -30.94 18.50 -19.47
C GLN A 373 -29.85 17.77 -18.68
N TRP A 374 -30.15 16.54 -18.24
CA TRP A 374 -29.15 15.73 -17.52
C TRP A 374 -27.91 15.45 -18.38
N LEU A 375 -28.12 15.07 -19.64
CA LEU A 375 -26.99 14.72 -20.52
C LEU A 375 -26.09 15.91 -20.79
N ASN A 376 -26.68 17.12 -20.85
CA ASN A 376 -25.90 18.34 -21.08
C ASN A 376 -25.34 18.96 -19.82
N SER A 377 -25.66 18.37 -18.68
CA SER A 377 -25.30 18.91 -17.37
C SER A 377 -23.79 18.89 -17.09
N GLU A 378 -23.36 19.74 -16.17
CA GLU A 378 -21.93 19.82 -15.81
C GLU A 378 -21.42 18.54 -15.14
N ALA A 379 -22.29 17.90 -14.37
CA ALA A 379 -21.95 16.62 -13.75
C ALA A 379 -21.52 15.61 -14.80
N MET A 380 -22.30 15.56 -15.89
CA MET A 380 -22.04 14.62 -16.97
C MET A 380 -20.74 14.94 -17.74
N GLN A 381 -20.49 16.22 -17.98
CA GLN A 381 -19.28 16.64 -18.71
C GLN A 381 -18.03 16.28 -17.91
N LYS A 382 -18.09 16.55 -16.61
CA LYS A 382 -17.03 16.17 -15.69
C LYS A 382 -16.79 14.66 -15.67
N HIS A 383 -17.88 13.89 -15.65
CA HIS A 383 -17.84 12.43 -15.60
C HIS A 383 -17.06 11.85 -16.78
N VAL A 384 -17.41 12.26 -17.99
CA VAL A 384 -16.71 11.77 -19.17
C VAL A 384 -15.28 12.27 -19.33
N ARG A 385 -15.04 13.54 -19.03
CA ARG A 385 -13.68 14.08 -19.06
C ARG A 385 -12.77 13.34 -18.06
N THR A 386 -13.34 13.02 -16.91
CA THR A 386 -12.60 12.24 -15.91
C THR A 386 -12.17 10.87 -16.46
N LEU A 387 -13.16 10.11 -16.93
CA LEU A 387 -12.95 8.76 -17.44
C LEU A 387 -12.07 8.64 -18.70
N TYR A 388 -12.32 9.49 -19.70
CA TYR A 388 -11.72 9.32 -21.02
C TYR A 388 -10.76 10.44 -21.44
N ARG A 389 -10.51 11.34 -20.51
CA ARG A 389 -9.70 12.54 -20.75
C ARG A 389 -9.82 13.03 -22.19
N ASP A 390 -8.70 13.09 -22.90
CA ASP A 390 -8.73 13.49 -24.30
C ASP A 390 -8.14 12.39 -25.22
N PHE A 391 -8.39 11.12 -24.88
CA PHE A 391 -7.81 10.00 -25.62
C PHE A 391 -8.13 10.14 -27.11
N VAL A 392 -9.40 10.44 -27.40
CA VAL A 392 -9.90 10.58 -28.77
C VAL A 392 -10.72 11.87 -28.86
N PRO A 393 -10.91 12.46 -30.08
CA PRO A 393 -11.72 13.67 -30.22
C PRO A 393 -13.24 13.44 -30.38
N HIS A 394 -13.76 12.51 -29.60
CA HIS A 394 -15.12 12.00 -29.72
C HIS A 394 -15.74 11.60 -28.41
N LEU A 395 -17.08 11.55 -28.42
CA LEU A 395 -17.80 10.65 -27.55
C LEU A 395 -18.09 9.41 -28.43
N THR A 396 -17.57 8.26 -28.03
CA THR A 396 -17.76 7.07 -28.85
C THR A 396 -18.98 6.30 -28.31
N LEU A 397 -19.41 5.28 -29.05
CA LEU A 397 -20.56 4.46 -28.65
C LEU A 397 -20.31 3.75 -27.31
N ARG A 398 -19.09 3.26 -27.11
CA ARG A 398 -18.76 2.54 -25.90
C ARG A 398 -18.76 3.42 -24.65
N MET A 399 -18.48 4.71 -24.82
CA MET A 399 -18.59 5.69 -23.72
C MET A 399 -20.09 6.02 -23.49
N LEU A 400 -20.78 6.29 -24.59
CA LEU A 400 -22.22 6.67 -24.58
C LEU A 400 -23.20 5.64 -23.98
N GLU A 401 -23.00 4.36 -24.31
CA GLU A 401 -23.87 3.30 -23.81
C GLU A 401 -23.73 3.11 -22.28
N ARG A 402 -22.64 3.60 -21.71
CA ARG A 402 -22.41 3.47 -20.27
C ARG A 402 -22.84 4.65 -19.42
N LEU A 403 -23.37 5.70 -20.06
CA LEU A 403 -23.80 6.88 -19.31
C LEU A 403 -24.98 6.56 -18.40
N PRO A 404 -24.85 6.88 -17.09
CA PRO A 404 -25.91 6.56 -16.13
C PRO A 404 -27.12 7.49 -16.24
N VAL A 405 -28.31 6.89 -16.17
CA VAL A 405 -29.58 7.61 -16.22
C VAL A 405 -30.43 7.12 -15.06
N ARG A 406 -30.74 8.03 -14.14
CA ARG A 406 -31.59 7.71 -13.00
C ARG A 406 -33.06 7.86 -13.36
N ARG A 407 -33.93 7.21 -12.58
CA ARG A 407 -35.36 7.05 -12.86
C ARG A 407 -36.14 8.30 -13.28
N GLU A 408 -35.79 9.46 -12.73
CA GLU A 408 -36.50 10.72 -13.06
C GLU A 408 -36.55 11.02 -14.57
N TYR A 409 -35.47 10.66 -15.26
CA TYR A 409 -35.28 10.98 -16.69
C TYR A 409 -35.68 9.83 -17.62
N GLY A 410 -35.40 8.60 -17.21
CA GLY A 410 -35.64 7.45 -18.06
C GLY A 410 -35.72 6.19 -17.25
N PHE A 411 -36.71 5.36 -17.57
CA PHE A 411 -36.99 4.20 -16.75
C PHE A 411 -37.48 3.03 -17.59
N HIS A 412 -36.72 1.93 -17.51
CA HIS A 412 -37.11 0.67 -18.14
C HIS A 412 -37.96 -0.11 -17.17
N THR A 413 -39.24 -0.25 -17.52
CA THR A 413 -40.20 -0.94 -16.68
C THR A 413 -40.13 -2.47 -16.85
N SER A 414 -39.85 -2.98 -17.94
N THR D 23 -1.72 -17.34 43.40
CA THR D 23 -0.33 -17.73 43.05
C THR D 23 -0.20 -19.26 43.19
N PRO D 24 0.35 -19.92 42.15
CA PRO D 24 0.57 -21.38 42.22
C PRO D 24 1.42 -21.78 43.43
N PRO D 25 1.03 -22.88 44.12
CA PRO D 25 1.69 -23.38 45.33
C PRO D 25 3.23 -23.50 45.17
N GLU D 26 3.66 -23.97 44.01
CA GLU D 26 5.09 -24.14 43.68
C GLU D 26 5.85 -22.82 43.68
N VAL D 27 5.20 -21.75 43.22
CA VAL D 27 5.77 -20.42 43.21
C VAL D 27 5.87 -19.87 44.64
N VAL D 28 4.79 -20.01 45.41
CA VAL D 28 4.79 -19.60 46.82
C VAL D 28 5.92 -20.29 47.60
N ASP D 29 6.04 -21.62 47.46
CA ASP D 29 7.11 -22.41 48.10
C ASP D 29 8.48 -21.77 47.83
N PHE D 30 8.73 -21.42 46.57
CA PHE D 30 10.02 -20.88 46.14
C PHE D 30 10.29 -19.50 46.75
N MET D 31 9.32 -18.60 46.64
CA MET D 31 9.46 -17.25 47.22
C MET D 31 9.69 -17.30 48.72
N VAL D 32 8.96 -18.18 49.42
CA VAL D 32 9.13 -18.31 50.88
C VAL D 32 10.56 -18.81 51.21
N SER D 33 11.10 -19.69 50.38
CA SER D 33 12.48 -20.18 50.58
C SER D 33 13.54 -19.07 50.43
N LEU D 34 13.17 -17.96 49.78
CA LEU D 34 14.06 -16.82 49.56
C LEU D 34 13.88 -15.74 50.63
N ALA D 35 12.74 -15.77 51.30
CA ALA D 35 12.36 -14.76 52.27
C ALA D 35 12.98 -15.05 53.64
N GLU D 36 13.20 -13.98 54.39
CA GLU D 36 13.84 -14.02 55.67
C GLU D 36 13.40 -12.78 56.41
N ALA D 37 13.29 -12.91 57.72
CA ALA D 37 13.07 -11.76 58.58
C ALA D 37 13.79 -12.03 59.90
N PRO D 38 14.22 -10.95 60.57
CA PRO D 38 14.76 -11.12 61.93
C PRO D 38 13.68 -11.60 62.89
N ARG D 39 14.05 -12.29 63.96
CA ARG D 39 13.06 -12.69 64.96
C ARG D 39 12.29 -11.46 65.48
N GLY D 40 10.98 -11.61 65.60
CA GLY D 40 10.10 -10.50 65.99
C GLY D 40 9.87 -9.53 64.83
N GLY D 41 10.42 -9.89 63.67
CA GLY D 41 10.38 -9.02 62.49
C GLY D 41 8.96 -8.72 62.03
N ARG D 42 8.81 -7.58 61.37
CA ARG D 42 7.51 -7.17 60.86
C ARG D 42 7.37 -7.66 59.43
N VAL D 43 6.35 -8.48 59.17
CA VAL D 43 6.14 -9.15 57.88
C VAL D 43 4.82 -8.70 57.24
N LEU D 44 4.88 -8.18 56.00
CA LEU D 44 3.74 -7.65 55.25
C LEU D 44 3.46 -8.41 53.94
N GLU D 45 2.21 -8.83 53.78
CA GLU D 45 1.68 -9.20 52.45
C GLU D 45 0.75 -8.14 51.84
N PRO D 46 1.23 -7.40 50.83
CA PRO D 46 0.37 -6.44 50.15
C PRO D 46 -0.56 -7.22 49.21
N ALA D 47 -1.77 -6.68 48.99
CA ALA D 47 -2.84 -7.32 48.18
C ALA D 47 -3.11 -8.76 48.60
N CYS D 48 -3.36 -8.93 49.90
CA CYS D 48 -3.23 -10.23 50.53
C CYS D 48 -4.40 -11.18 50.33
N ALA D 49 -5.61 -10.65 50.12
CA ALA D 49 -6.85 -11.46 50.13
C ALA D 49 -6.89 -12.33 51.42
N HIS D 50 -6.86 -13.66 51.30
CA HIS D 50 -6.83 -14.56 52.47
C HIS D 50 -5.44 -14.80 53.09
N GLY D 51 -4.41 -14.13 52.54
CA GLY D 51 -3.05 -14.16 53.06
C GLY D 51 -2.26 -15.46 52.88
N PRO D 52 -2.18 -15.98 51.64
CA PRO D 52 -1.42 -17.22 51.41
C PRO D 52 0.10 -17.11 51.71
N PHE D 53 0.69 -15.94 51.47
CA PHE D 53 2.12 -15.75 51.73
C PHE D 53 2.43 -15.66 53.23
N LEU D 54 1.56 -14.99 53.97
CA LEU D 54 1.61 -14.99 55.44
C LEU D 54 1.51 -16.40 56.00
N ARG D 55 0.55 -17.19 55.49
CA ARG D 55 0.28 -18.55 56.00
C ARG D 55 1.52 -19.45 55.75
N ALA D 56 2.06 -19.37 54.54
CA ALA D 56 3.22 -20.16 54.13
C ALA D 56 4.50 -19.73 54.84
N PHE D 57 4.65 -18.42 55.08
CA PHE D 57 5.82 -17.93 55.82
C PHE D 57 5.80 -18.41 57.27
N ARG D 58 4.64 -18.34 57.92
CA ARG D 58 4.53 -18.78 59.31
C ARG D 58 4.76 -20.28 59.45
N GLU D 59 4.24 -21.03 58.48
CA GLU D 59 4.36 -22.48 58.47
C GLU D 59 5.84 -22.86 58.32
N ALA D 60 6.54 -22.16 57.42
CA ALA D 60 7.95 -22.44 57.14
C ALA D 60 8.89 -21.96 58.24
N HIS D 61 8.65 -20.75 58.73
CA HIS D 61 9.61 -20.05 59.60
C HIS D 61 9.20 -19.88 61.07
N GLY D 62 7.97 -20.20 61.41
CA GLY D 62 7.50 -20.11 62.79
C GLY D 62 6.65 -18.88 63.07
N THR D 63 6.28 -18.71 64.33
CA THR D 63 5.29 -17.72 64.75
C THR D 63 5.90 -16.44 65.36
N ALA D 64 7.23 -16.38 65.42
CA ALA D 64 7.90 -15.27 66.13
C ALA D 64 8.08 -14.03 65.21
N TYR D 65 6.96 -13.58 64.63
CA TYR D 65 6.92 -12.42 63.73
C TYR D 65 5.60 -11.67 63.91
N ARG D 66 5.58 -10.37 63.58
CA ARG D 66 4.30 -9.69 63.49
C ARG D 66 3.83 -9.84 62.04
N PHE D 67 2.65 -10.40 61.85
CA PHE D 67 2.09 -10.63 60.49
C PHE D 67 1.04 -9.58 60.14
N VAL D 68 1.21 -8.95 58.98
CA VAL D 68 0.33 -7.87 58.53
C VAL D 68 -0.07 -8.12 57.06
N GLY D 69 -1.36 -7.96 56.78
CA GLY D 69 -1.84 -8.01 55.40
C GLY D 69 -2.64 -6.78 55.07
N VAL D 70 -2.53 -6.33 53.80
CA VAL D 70 -3.25 -5.18 53.32
C VAL D 70 -4.05 -5.51 52.04
N GLU D 71 -5.34 -5.21 52.07
CA GLU D 71 -6.27 -5.57 50.99
C GLU D 71 -7.33 -4.48 50.77
N ILE D 72 -7.68 -4.23 49.50
CA ILE D 72 -8.58 -3.13 49.12
C ILE D 72 -10.04 -3.59 49.06
N ASP D 73 -10.25 -4.87 48.81
CA ASP D 73 -11.60 -5.41 48.65
C ASP D 73 -12.07 -6.09 49.95
N PRO D 74 -13.11 -5.50 50.62
CA PRO D 74 -13.66 -6.11 51.85
C PRO D 74 -14.13 -7.55 51.68
N LYS D 75 -14.54 -7.92 50.47
CA LYS D 75 -14.97 -9.30 50.21
C LYS D 75 -13.78 -10.26 50.13
N ALA D 76 -12.59 -9.73 49.83
CA ALA D 76 -11.41 -10.57 49.65
C ALA D 76 -10.59 -10.75 50.94
N LEU D 77 -10.64 -9.76 51.83
CA LEU D 77 -9.81 -9.78 53.04
C LEU D 77 -10.29 -10.81 54.06
N ASP D 78 -9.52 -11.88 54.23
CA ASP D 78 -9.90 -12.96 55.17
C ASP D 78 -8.69 -13.63 55.82
N LEU D 79 -8.05 -12.91 56.73
CA LEU D 79 -6.81 -13.37 57.34
C LEU D 79 -7.02 -14.27 58.56
N PRO D 80 -6.02 -15.10 58.90
CA PRO D 80 -6.07 -15.81 60.17
C PRO D 80 -6.05 -14.82 61.34
N PRO D 81 -6.68 -15.20 62.48
CA PRO D 81 -6.72 -14.42 63.72
C PRO D 81 -5.36 -13.84 64.19
N TRP D 82 -4.25 -14.51 63.88
CA TRP D 82 -2.91 -14.09 64.31
C TRP D 82 -2.28 -13.02 63.42
N ALA D 83 -2.98 -12.63 62.35
CA ALA D 83 -2.53 -11.56 61.48
C ALA D 83 -3.40 -10.31 61.60
N GLU D 84 -2.74 -9.15 61.44
CA GLU D 84 -3.44 -7.88 61.37
C GLU D 84 -3.88 -7.61 59.93
N GLY D 85 -5.20 -7.51 59.72
CA GLY D 85 -5.77 -7.19 58.41
C GLY D 85 -6.11 -5.71 58.29
N ILE D 86 -5.62 -5.07 57.23
CA ILE D 86 -5.91 -3.69 56.97
C ILE D 86 -6.65 -3.56 55.64
N LEU D 87 -7.82 -2.93 55.68
CA LEU D 87 -8.55 -2.56 54.45
C LEU D 87 -8.13 -1.20 53.91
N ALA D 88 -7.26 -1.22 52.90
CA ALA D 88 -6.69 -0.01 52.33
C ALA D 88 -6.22 -0.26 50.91
N ASP D 89 -6.17 0.80 50.11
CA ASP D 89 -5.42 0.76 48.87
C ASP D 89 -3.96 0.80 49.23
N PHE D 90 -3.24 -0.29 48.95
CA PHE D 90 -1.83 -0.41 49.32
C PHE D 90 -1.00 0.75 48.85
N LEU D 91 -1.25 1.19 47.61
CA LEU D 91 -0.49 2.29 47.02
C LEU D 91 -0.61 3.65 47.74
N LEU D 92 -1.71 3.86 48.47
CA LEU D 92 -1.93 5.13 49.17
C LEU D 92 -1.88 4.97 50.71
N TRP D 93 -1.57 3.76 51.16
CA TRP D 93 -1.51 3.45 52.58
C TRP D 93 -0.23 3.99 53.25
N GLU D 94 -0.38 4.48 54.49
CA GLU D 94 0.77 4.95 55.31
C GLU D 94 0.82 4.31 56.71
N PRO D 95 1.56 3.20 56.87
CA PRO D 95 1.64 2.47 58.15
C PRO D 95 2.20 3.20 59.39
N GLY D 96 3.20 4.06 59.21
CA GLY D 96 3.81 4.68 60.38
C GLY D 96 5.14 4.08 60.81
N GLU D 97 5.25 2.74 60.78
CA GLU D 97 6.52 2.04 61.00
C GLU D 97 6.84 1.13 59.81
N ALA D 98 8.07 1.19 59.33
CA ALA D 98 8.52 0.38 58.18
C ALA D 98 8.54 -1.13 58.48
N PHE D 99 8.88 -1.93 57.46
CA PHE D 99 8.80 -3.39 57.56
C PHE D 99 10.16 -4.07 57.32
N ASP D 100 10.30 -5.24 57.92
CA ASP D 100 11.49 -6.06 57.76
C ASP D 100 11.38 -6.95 56.52
N LEU D 101 10.18 -7.44 56.27
CA LEU D 101 9.93 -8.29 55.10
C LEU D 101 8.59 -8.00 54.43
N ILE D 102 8.61 -7.79 53.13
CA ILE D 102 7.40 -7.64 52.34
C ILE D 102 7.43 -8.71 51.25
N LEU D 103 6.37 -9.51 51.18
CA LEU D 103 6.34 -10.60 50.21
C LEU D 103 4.95 -10.77 49.63
N GLY D 104 4.88 -11.19 48.37
CA GLY D 104 3.59 -11.34 47.73
C GLY D 104 3.57 -11.28 46.22
N ASN D 105 2.36 -11.20 45.70
CA ASN D 105 2.03 -11.17 44.27
C ASN D 105 1.22 -9.89 44.07
N PRO D 106 1.86 -8.81 43.58
CA PRO D 106 1.08 -7.59 43.27
C PRO D 106 0.10 -7.86 42.12
N PRO D 107 -0.94 -7.01 42.01
CA PRO D 107 -1.73 -6.97 40.78
C PRO D 107 -0.89 -6.51 39.61
N TYR D 108 -1.20 -7.04 38.43
CA TYR D 108 -0.62 -6.59 37.17
C TYR D 108 -1.66 -5.90 36.34
N GLY D 109 -1.29 -4.79 35.72
CA GLY D 109 -2.16 -4.17 34.75
C GLY D 109 -1.93 -2.69 34.60
N ILE D 110 -2.16 -2.21 33.38
CA ILE D 110 -2.11 -0.78 33.09
C ILE D 110 -3.40 -0.07 33.55
N VAL D 111 -3.25 1.07 34.23
CA VAL D 111 -4.40 1.92 34.55
C VAL D 111 -4.78 2.76 33.33
N GLY D 112 -6.00 2.54 32.81
CA GLY D 112 -6.50 3.27 31.64
C GLY D 112 -7.97 2.94 31.35
N GLU D 113 -8.51 3.52 30.29
CA GLU D 113 -9.89 3.32 29.81
C GLU D 113 -10.22 1.84 29.61
N ALA D 114 -11.37 1.42 30.13
CA ALA D 114 -11.79 0.01 30.13
C ALA D 114 -11.91 -0.65 28.75
N SER D 115 -12.11 0.15 27.71
CA SER D 115 -12.15 -0.41 26.36
C SER D 115 -10.78 -0.96 25.93
N LYS D 116 -9.71 -0.48 26.54
CA LYS D 116 -8.37 -0.90 26.14
C LYS D 116 -7.51 -1.49 27.26
N TYR D 117 -7.75 -1.06 28.49
CA TYR D 117 -6.84 -1.38 29.63
C TYR D 117 -7.62 -1.95 30.82
N PRO D 118 -7.00 -2.86 31.60
CA PRO D 118 -7.68 -3.61 32.69
C PRO D 118 -8.00 -2.88 34.00
N ILE D 119 -7.28 -1.81 34.31
CA ILE D 119 -7.38 -1.21 35.63
C ILE D 119 -8.07 0.14 35.51
N HIS D 120 -9.19 0.28 36.21
CA HIS D 120 -10.08 1.42 36.02
C HIS D 120 -10.24 2.22 37.30
N VAL D 121 -9.65 3.41 37.33
CA VAL D 121 -9.78 4.30 38.48
C VAL D 121 -10.19 5.68 37.98
N PHE D 122 -10.75 6.50 38.87
CA PHE D 122 -10.99 7.91 38.56
C PHE D 122 -9.66 8.58 38.23
N LYS D 123 -9.69 9.55 37.33
CA LYS D 123 -8.46 10.29 37.00
C LYS D 123 -7.80 10.89 38.25
N ALA D 124 -8.61 11.36 39.20
CA ALA D 124 -8.07 11.88 40.46
C ALA D 124 -7.23 10.86 41.25
N VAL D 125 -7.64 9.58 41.25
CA VAL D 125 -6.82 8.52 41.86
C VAL D 125 -5.53 8.28 41.06
N LYS D 126 -5.62 8.27 39.73
CA LYS D 126 -4.41 8.11 38.91
C LYS D 126 -3.40 9.24 39.21
N ASP D 127 -3.90 10.47 39.30
CA ASP D 127 -3.11 11.65 39.67
C ASP D 127 -2.38 11.46 41.01
N LEU D 128 -3.07 10.86 41.98
CA LEU D 128 -2.49 10.55 43.29
C LEU D 128 -1.34 9.56 43.18
N TYR D 129 -1.49 8.56 42.32
CA TYR D 129 -0.42 7.58 42.07
C TYR D 129 0.81 8.25 41.47
N LYS D 130 0.60 9.10 40.47
CA LYS D 130 1.70 9.80 39.80
C LYS D 130 2.46 10.71 40.75
N LYS D 131 1.73 11.36 41.66
CA LYS D 131 2.31 12.19 42.71
C LYS D 131 3.14 11.37 43.71
N ALA D 132 2.64 10.17 44.04
CA ALA D 132 3.29 9.31 45.02
C ALA D 132 4.53 8.59 44.46
N PHE D 133 4.53 8.30 43.15
CA PHE D 133 5.52 7.38 42.58
C PHE D 133 6.46 8.01 41.58
N SER D 134 7.69 8.19 42.03
CA SER D 134 8.75 8.84 41.27
C SER D 134 9.19 7.98 40.07
N THR D 135 8.83 6.70 40.10
CA THR D 135 9.21 5.78 39.02
C THR D 135 8.15 5.69 37.92
N TRP D 136 6.97 6.30 38.13
CA TRP D 136 5.88 6.26 37.19
C TRP D 136 6.32 6.93 35.88
N LYS D 137 6.16 6.19 34.78
CA LYS D 137 6.64 6.65 33.49
C LYS D 137 5.76 6.00 32.43
N GLY D 138 5.38 6.77 31.40
CA GLY D 138 4.57 6.21 30.32
C GLY D 138 3.19 5.84 30.83
N LYS D 139 2.63 4.76 30.29
CA LYS D 139 1.37 4.22 30.77
C LYS D 139 1.59 3.56 32.15
N TYR D 140 2.78 3.00 32.32
CA TYR D 140 3.26 2.35 33.56
C TYR D 140 2.37 1.15 33.92
N ASN D 141 2.41 0.72 35.18
CA ASN D 141 1.74 -0.52 35.58
C ASN D 141 1.54 -0.54 37.07
N LEU D 142 0.40 -1.06 37.53
CA LEU D 142 0.24 -1.34 38.96
C LEU D 142 1.43 -2.07 39.58
N TYR D 143 2.02 -3.04 38.86
CA TYR D 143 3.07 -3.82 39.51
C TYR D 143 4.34 -3.06 39.78
N GLY D 144 4.64 -2.08 38.93
CA GLY D 144 5.77 -1.18 39.18
C GLY D 144 5.53 -0.26 40.37
N ALA D 145 4.31 0.24 40.51
CA ALA D 145 3.91 1.09 41.64
C ALA D 145 3.96 0.31 42.97
N PHE D 146 3.54 -0.96 42.93
CA PHE D 146 3.62 -1.85 44.09
C PHE D 146 5.08 -2.06 44.48
N LEU D 147 5.94 -2.25 43.49
CA LEU D 147 7.37 -2.40 43.72
C LEU D 147 7.95 -1.16 44.36
N GLU D 148 7.68 0.01 43.79
CA GLU D 148 8.21 1.23 44.42
C GLU D 148 7.66 1.45 45.84
N LYS D 149 6.35 1.28 46.01
CA LYS D 149 5.71 1.49 47.33
C LYS D 149 6.34 0.56 48.37
N ALA D 150 6.54 -0.70 47.99
CA ALA D 150 7.12 -1.68 48.90
C ALA D 150 8.56 -1.32 49.28
N VAL D 151 9.36 -0.85 48.31
CA VAL D 151 10.74 -0.42 48.65
C VAL D 151 10.72 0.72 49.68
N ARG D 152 9.81 1.67 49.48
CA ARG D 152 9.68 2.82 50.39
C ARG D 152 9.23 2.39 51.82
N LEU D 153 8.52 1.27 51.92
CA LEU D 153 8.03 0.80 53.22
C LEU D 153 8.99 -0.17 53.91
N LEU D 154 10.15 -0.44 53.30
CA LEU D 154 11.15 -1.31 53.89
C LEU D 154 12.01 -0.56 54.89
N LYS D 155 12.27 -1.21 56.04
CA LYS D 155 13.34 -0.75 56.93
C LYS D 155 14.69 -0.90 56.23
N PRO D 156 15.69 -0.09 56.63
CA PRO D 156 17.09 -0.34 56.24
C PRO D 156 17.46 -1.82 56.43
N GLY D 157 17.99 -2.45 55.39
CA GLY D 157 18.29 -3.89 55.44
C GLY D 157 17.08 -4.81 55.26
N GLY D 158 15.90 -4.23 55.17
CA GLY D 158 14.69 -5.03 54.95
C GLY D 158 14.67 -5.69 53.57
N VAL D 159 13.78 -6.66 53.41
CA VAL D 159 13.73 -7.49 52.19
C VAL D 159 12.32 -7.55 51.61
N LEU D 160 12.26 -7.47 50.28
CA LEU D 160 11.04 -7.66 49.53
C LEU D 160 11.22 -8.89 48.64
N VAL D 161 10.17 -9.71 48.55
CA VAL D 161 10.12 -10.82 47.60
C VAL D 161 8.76 -10.80 46.88
N PHE D 162 8.76 -10.36 45.61
CA PHE D 162 7.58 -10.25 44.77
C PHE D 162 7.69 -11.13 43.53
N VAL D 163 6.58 -11.72 43.11
CA VAL D 163 6.46 -12.32 41.76
C VAL D 163 5.75 -11.35 40.78
N VAL D 164 6.45 -11.01 39.69
CA VAL D 164 6.00 -9.95 38.77
C VAL D 164 6.27 -10.35 37.32
N PRO D 165 5.60 -9.68 36.33
CA PRO D 165 6.04 -9.91 34.95
C PRO D 165 7.51 -9.58 34.72
N ALA D 166 8.10 -10.16 33.68
CA ALA D 166 9.50 -9.97 33.33
C ALA D 166 9.72 -8.68 32.56
N THR D 167 8.63 -7.98 32.25
CA THR D 167 8.68 -6.88 31.27
C THR D 167 9.57 -5.73 31.72
N TRP D 168 9.75 -5.58 33.04
CA TRP D 168 10.50 -4.46 33.60
C TRP D 168 12.02 -4.65 33.39
N LEU D 169 12.46 -5.86 33.10
CA LEU D 169 13.85 -6.10 32.76
C LEU D 169 14.28 -5.32 31.52
N VAL D 170 13.39 -5.17 30.55
CA VAL D 170 13.76 -4.58 29.26
C VAL D 170 13.09 -3.27 28.85
N LEU D 171 11.86 -3.01 29.31
CA LEU D 171 11.03 -1.95 28.71
C LEU D 171 11.34 -0.56 29.23
N GLU D 172 11.18 0.42 28.32
CA GLU D 172 11.43 1.83 28.64
C GLU D 172 10.54 2.35 29.77
N ASP D 173 9.30 1.86 29.85
CA ASP D 173 8.36 2.29 30.91
C ASP D 173 8.89 2.08 32.31
N PHE D 174 9.86 1.17 32.43
CA PHE D 174 10.38 0.75 33.73
C PHE D 174 11.84 1.17 33.95
N ALA D 175 12.32 2.05 33.07
CA ALA D 175 13.68 2.58 33.19
C ALA D 175 13.92 3.29 34.53
N LEU D 176 12.96 4.11 34.97
CA LEU D 176 13.07 4.81 36.25
C LEU D 176 12.99 3.85 37.45
N LEU D 177 12.18 2.80 37.33
CA LEU D 177 12.09 1.72 38.33
C LEU D 177 13.41 0.96 38.49
N ARG D 178 13.99 0.53 37.38
CA ARG D 178 15.32 -0.11 37.41
C ARG D 178 16.38 0.78 38.10
N GLU D 179 16.44 2.04 37.71
CA GLU D 179 17.40 3.02 38.28
C GLU D 179 17.20 3.23 39.78
N PHE D 180 15.93 3.19 40.21
CA PHE D 180 15.51 3.37 41.61
C PHE D 180 15.97 2.17 42.44
N LEU D 181 15.63 0.96 41.97
CA LEU D 181 16.07 -0.27 42.59
C LEU D 181 17.61 -0.29 42.70
N ALA D 182 18.29 0.02 41.60
CA ALA D 182 19.75 0.05 41.59
C ALA D 182 20.38 1.01 42.57
N ARG D 183 19.74 2.16 42.84
CA ARG D 183 20.32 3.10 43.84
C ARG D 183 19.85 2.91 45.30
N GLU D 184 18.80 2.12 45.49
CA GLU D 184 18.17 1.93 46.82
C GLU D 184 18.64 0.69 47.58
N GLY D 185 19.24 -0.25 46.86
CA GLY D 185 19.72 -1.47 47.49
C GLY D 185 20.24 -2.47 46.50
N LYS D 186 20.20 -3.76 46.88
CA LYS D 186 20.69 -4.86 46.05
C LYS D 186 19.53 -5.73 45.54
N THR D 187 19.63 -6.13 44.28
CA THR D 187 18.52 -6.76 43.58
C THR D 187 18.95 -8.12 43.07
N SER D 188 18.17 -9.15 43.38
CA SER D 188 18.32 -10.46 42.73
C SER D 188 17.08 -10.79 41.91
N VAL D 189 17.28 -11.17 40.66
CA VAL D 189 16.18 -11.51 39.73
C VAL D 189 16.22 -13.00 39.35
N TYR D 190 15.10 -13.69 39.55
CA TYR D 190 14.97 -15.12 39.28
C TYR D 190 13.97 -15.34 38.18
N TYR D 191 14.41 -15.90 37.04
CA TYR D 191 13.51 -16.09 35.92
C TYR D 191 12.72 -17.39 36.09
N LEU D 192 11.38 -17.26 36.07
CA LEU D 192 10.50 -18.42 36.17
C LEU D 192 9.87 -18.74 34.82
N GLY D 193 9.51 -17.69 34.08
CA GLY D 193 8.83 -17.81 32.78
C GLY D 193 7.32 -17.91 32.93
N GLU D 194 6.69 -18.69 32.07
CA GLU D 194 5.23 -18.77 32.09
C GLU D 194 4.69 -19.79 33.09
N VAL D 195 4.56 -19.37 34.35
CA VAL D 195 4.18 -20.28 35.44
C VAL D 195 2.72 -20.16 35.94
N PHE D 196 1.97 -19.18 35.44
CA PHE D 196 0.55 -19.03 35.79
C PHE D 196 -0.30 -19.70 34.69
N PRO D 197 -0.99 -20.81 35.01
CA PRO D 197 -1.79 -21.43 33.94
C PRO D 197 -2.90 -20.51 33.41
N GLN D 198 -3.10 -20.57 32.09
CA GLN D 198 -4.14 -19.78 31.42
C GLN D 198 -3.99 -18.25 31.50
N LYS D 199 -2.91 -17.77 32.14
CA LYS D 199 -2.57 -16.34 32.09
C LYS D 199 -1.29 -16.13 31.27
N LYS D 200 -1.36 -15.25 30.28
CA LYS D 200 -0.20 -14.99 29.44
C LYS D 200 0.73 -14.01 30.15
N VAL D 201 1.66 -14.53 30.94
CA VAL D 201 2.66 -13.71 31.64
C VAL D 201 3.96 -14.50 31.81
N SER D 202 5.06 -13.89 31.42
CA SER D 202 6.37 -14.43 31.65
C SER D 202 6.82 -13.78 32.93
N ALA D 203 7.02 -14.60 33.96
CA ALA D 203 7.21 -14.06 35.32
C ALA D 203 8.64 -14.19 35.85
N VAL D 204 9.01 -13.25 36.71
CA VAL D 204 10.25 -13.33 37.48
C VAL D 204 9.92 -13.20 38.98
N VAL D 205 10.79 -13.75 39.81
CA VAL D 205 10.78 -13.39 41.23
C VAL D 205 11.84 -12.32 41.38
N ILE D 206 11.47 -11.20 42.00
CA ILE D 206 12.48 -10.25 42.47
C ILE D 206 12.68 -10.32 44.00
N ARG D 207 13.93 -10.50 44.41
CA ARG D 207 14.30 -10.36 45.82
C ARG D 207 15.19 -9.13 45.95
N PHE D 208 14.65 -8.10 46.61
CA PHE D 208 15.35 -6.84 46.83
C PHE D 208 15.63 -6.68 48.32
N GLN D 209 16.86 -6.29 48.64
CA GLN D 209 17.25 -5.89 50.01
C GLN D 209 17.70 -4.43 50.05
N LYS D 210 17.14 -3.68 50.99
CA LYS D 210 17.42 -2.25 51.13
C LYS D 210 18.76 -2.01 51.82
N SER D 211 19.84 -2.50 51.19
CA SER D 211 21.21 -2.23 51.61
C SER D 211 22.15 -2.73 50.52
N GLY D 212 23.37 -2.22 50.49
CA GLY D 212 24.33 -2.62 49.45
C GLY D 212 23.94 -2.18 48.05
N LYS D 213 24.41 -2.93 47.06
CA LYS D 213 24.23 -2.59 45.67
C LYS D 213 24.47 -3.81 44.78
N GLY D 214 24.19 -3.64 43.50
CA GLY D 214 24.42 -4.68 42.52
C GLY D 214 23.15 -5.38 42.08
N LEU D 215 23.30 -6.15 41.02
CA LEU D 215 22.27 -7.00 40.48
C LEU D 215 22.83 -8.44 40.39
N SER D 216 22.04 -9.42 40.80
CA SER D 216 22.34 -10.82 40.50
C SER D 216 21.21 -11.38 39.67
N LEU D 217 21.56 -12.09 38.60
CA LEU D 217 20.57 -12.68 37.69
C LEU D 217 20.64 -14.21 37.82
N TRP D 218 19.50 -14.84 38.02
CA TRP D 218 19.42 -16.27 38.23
C TRP D 218 18.42 -16.91 37.28
N ASP D 219 18.77 -18.08 36.76
CA ASP D 219 17.80 -18.94 36.05
C ASP D 219 17.16 -19.83 37.11
N THR D 220 16.13 -20.59 36.74
CA THR D 220 15.51 -21.54 37.66
C THR D 220 15.26 -22.85 36.93
N GLN D 221 15.12 -23.93 37.68
CA GLN D 221 14.60 -25.18 37.15
C GLN D 221 13.59 -25.72 38.15
N GLU D 222 12.59 -26.46 37.67
CA GLU D 222 11.57 -27.00 38.55
C GLU D 222 12.23 -28.00 39.48
N SER D 223 11.76 -28.03 40.72
CA SER D 223 12.20 -29.02 41.69
C SER D 223 10.97 -29.79 42.18
N GLU D 224 11.15 -30.63 43.19
CA GLU D 224 10.05 -31.45 43.68
C GLU D 224 8.85 -30.59 44.14
N SER D 225 9.11 -29.58 44.98
CA SER D 225 8.03 -28.76 45.54
C SER D 225 8.05 -27.29 45.12
N GLY D 226 8.98 -26.94 44.24
CA GLY D 226 9.12 -25.57 43.80
C GLY D 226 10.06 -25.35 42.64
N PHE D 227 11.03 -24.48 42.88
CA PHE D 227 12.03 -24.10 41.90
C PHE D 227 13.39 -24.05 42.60
N THR D 228 14.41 -24.44 41.85
CA THR D 228 15.79 -24.37 42.30
C THR D 228 16.44 -23.24 41.50
N PRO D 229 17.08 -22.27 42.18
CA PRO D 229 17.75 -21.18 41.46
C PRO D 229 19.15 -21.58 40.98
N ILE D 230 19.54 -21.12 39.80
CA ILE D 230 20.86 -21.37 39.22
C ILE D 230 21.43 -20.03 38.78
N LEU D 231 22.56 -19.64 39.37
CA LEU D 231 23.13 -18.31 39.14
C LEU D 231 23.61 -18.16 37.71
N TRP D 232 23.18 -17.08 37.05
CA TRP D 232 23.56 -16.86 35.67
C TRP D 232 24.68 -15.84 35.56
N ALA D 233 24.52 -14.70 36.24
CA ALA D 233 25.44 -13.59 36.09
C ALA D 233 25.27 -12.60 37.22
N GLU D 234 26.36 -11.91 37.55
CA GLU D 234 26.35 -10.85 38.54
C GLU D 234 26.90 -9.54 37.97
N TYR D 235 26.18 -8.45 38.28
CA TYR D 235 26.58 -7.12 37.85
C TYR D 235 26.71 -6.23 39.09
N PRO D 236 27.91 -6.22 39.71
CA PRO D 236 28.16 -5.47 40.94
C PRO D 236 27.93 -3.97 40.83
N HIS D 237 28.02 -3.43 39.61
CA HIS D 237 27.92 -1.98 39.40
C HIS D 237 26.63 -1.59 38.68
N TRP D 238 25.61 -2.43 38.77
CA TRP D 238 24.35 -2.17 38.08
C TRP D 238 23.81 -0.80 38.43
N GLU D 239 23.45 -0.02 37.40
CA GLU D 239 22.91 1.33 37.62
C GLU D 239 21.48 1.51 37.12
N GLY D 240 20.87 0.41 36.66
CA GLY D 240 19.49 0.42 36.21
C GLY D 240 19.43 0.14 34.72
N GLU D 241 20.54 -0.27 34.13
CA GLU D 241 20.50 -0.65 32.71
C GLU D 241 19.67 -1.94 32.47
N ILE D 242 19.21 -2.05 31.23
CA ILE D 242 18.46 -3.21 30.76
C ILE D 242 19.10 -4.54 31.20
N ILE D 243 18.26 -5.46 31.69
CA ILE D 243 18.71 -6.76 32.19
C ILE D 243 18.56 -7.84 31.11
N ARG D 244 19.66 -8.53 30.80
CA ARG D 244 19.61 -9.55 29.74
C ARG D 244 20.39 -10.79 30.14
N PHE D 245 20.03 -11.92 29.53
CA PHE D 245 20.78 -13.17 29.71
C PHE D 245 21.94 -13.23 28.69
N GLU D 246 23.09 -12.70 29.08
CA GLU D 246 24.25 -12.66 28.21
C GLU D 246 25.08 -13.94 28.28
N THR D 247 25.74 -14.26 27.17
CA THR D 247 26.67 -15.41 27.09
C THR D 247 27.96 -14.94 26.41
N GLU D 248 29.00 -15.78 26.43
CA GLU D 248 30.22 -15.51 25.67
C GLU D 248 29.91 -15.24 24.18
N GLU D 249 28.98 -16.01 23.61
CA GLU D 249 28.56 -15.85 22.21
C GLU D 249 27.81 -14.54 21.91
N THR D 250 26.94 -14.11 22.83
CA THR D 250 26.19 -12.86 22.61
C THR D 250 27.15 -11.67 22.66
N ARG D 251 28.12 -11.73 23.56
CA ARG D 251 29.18 -10.72 23.74
C ARG D 251 30.16 -10.62 22.56
N LYS D 252 30.60 -11.78 22.06
CA LYS D 252 31.45 -11.86 20.86
C LYS D 252 30.76 -11.27 19.64
N LEU D 253 29.48 -11.61 19.48
CA LEU D 253 28.70 -11.14 18.33
C LEU D 253 28.46 -9.64 18.36
N GLU D 254 28.27 -9.08 19.56
CA GLU D 254 27.93 -7.65 19.68
C GLU D 254 29.07 -6.72 19.28
N ILE D 255 30.29 -7.09 19.67
CA ILE D 255 31.50 -6.35 19.27
C ILE D 255 31.97 -6.67 17.85
N SER D 256 31.41 -7.72 17.23
CA SER D 256 31.82 -8.13 15.88
C SER D 256 31.44 -7.13 14.79
N GLY D 257 30.43 -6.30 15.05
CA GLY D 257 30.05 -5.26 14.11
C GLY D 257 29.43 -4.06 14.77
N MET D 258 29.02 -3.10 13.97
CA MET D 258 28.39 -1.89 14.48
C MET D 258 26.91 -2.13 14.82
N PRO D 259 26.43 -1.49 15.91
CA PRO D 259 25.00 -1.55 16.28
C PRO D 259 24.15 -1.05 15.11
N LEU D 260 23.09 -1.77 14.78
CA LEU D 260 22.16 -1.38 13.72
C LEU D 260 21.70 0.09 13.84
N GLY D 261 21.56 0.54 15.07
CA GLY D 261 21.16 1.91 15.39
C GLY D 261 22.18 2.96 14.99
N ASP D 262 23.43 2.55 14.81
CA ASP D 262 24.47 3.48 14.32
C ASP D 262 24.32 3.67 12.82
N LEU D 263 23.71 2.70 12.15
CA LEU D 263 23.57 2.72 10.69
C LEU D 263 22.23 3.28 10.17
N PHE D 264 21.17 3.15 10.97
CA PHE D 264 19.82 3.55 10.52
C PHE D 264 19.14 4.48 11.50
N HIS D 265 18.38 5.43 10.97
CA HIS D 265 17.33 6.12 11.72
C HIS D 265 16.16 5.16 11.81
N ILE D 266 15.71 4.88 13.05
CA ILE D 266 14.60 3.96 13.29
C ILE D 266 13.33 4.74 13.71
N ARG D 267 12.28 4.58 12.92
CA ARG D 267 11.02 5.24 13.17
C ARG D 267 9.96 4.16 13.25
N PHE D 268 8.80 4.52 13.76
CA PHE D 268 7.72 3.55 13.83
C PHE D 268 6.65 3.91 12.81
N ALA D 269 5.81 2.95 12.48
CA ALA D 269 4.70 3.21 11.59
C ALA D 269 3.77 4.28 12.21
N ALA D 270 3.08 5.02 11.36
CA ALA D 270 1.90 5.80 11.84
C ALA D 270 0.85 4.87 12.44
N ARG D 271 0.10 5.38 13.42
CA ARG D 271 -0.78 4.53 14.23
C ARG D 271 -2.17 4.49 13.62
N SER D 272 -2.91 3.44 13.95
CA SER D 272 -4.28 3.31 13.45
C SER D 272 -5.15 4.60 13.46
N PRO D 273 -5.20 5.36 14.59
CA PRO D 273 -6.06 6.57 14.56
C PRO D 273 -5.65 7.66 13.56
N GLU D 274 -4.37 7.71 13.19
CA GLU D 274 -3.85 8.67 12.22
C GLU D 274 -4.35 8.32 10.83
N PHE D 275 -4.45 7.02 10.56
CA PHE D 275 -5.08 6.56 9.30
C PHE D 275 -6.57 6.87 9.27
N LYS D 276 -7.27 6.53 10.36
CA LYS D 276 -8.72 6.65 10.43
C LYS D 276 -9.16 8.08 10.17
N LYS D 277 -8.35 9.05 10.61
CA LYS D 277 -8.72 10.46 10.44
C LYS D 277 -8.29 11.08 9.10
N HIS D 278 -7.50 10.36 8.31
CA HIS D 278 -6.98 10.90 7.06
C HIS D 278 -8.06 10.90 5.96
N PRO D 279 -8.25 12.05 5.28
CA PRO D 279 -9.30 12.27 4.26
C PRO D 279 -9.32 11.29 3.09
N ALA D 280 -8.21 10.60 2.84
CA ALA D 280 -8.09 9.68 1.69
C ALA D 280 -8.30 8.21 2.05
N VAL D 281 -8.25 7.88 3.35
CA VAL D 281 -8.43 6.49 3.81
C VAL D 281 -9.90 6.05 3.70
N ARG D 282 -10.09 4.81 3.25
CA ARG D 282 -11.42 4.24 3.07
C ARG D 282 -11.50 2.88 3.78
N LYS D 283 -12.74 2.43 4.02
CA LYS D 283 -13.00 1.14 4.67
C LYS D 283 -13.37 0.07 3.66
N GLU D 284 -13.36 0.44 2.38
CA GLU D 284 -13.62 -0.51 1.31
C GLU D 284 -12.53 -0.39 0.24
N PRO D 285 -12.30 -1.46 -0.53
CA PRO D 285 -11.40 -1.29 -1.68
C PRO D 285 -12.05 -0.47 -2.82
N GLY D 286 -11.24 -0.01 -3.77
CA GLY D 286 -11.73 0.87 -4.83
C GLY D 286 -10.66 1.17 -5.86
N PRO D 287 -11.01 1.98 -6.90
CA PRO D 287 -10.12 2.20 -8.04
C PRO D 287 -9.08 3.18 -7.45
N GLY D 288 -7.80 2.83 -7.45
CA GLY D 288 -6.84 3.66 -6.74
C GLY D 288 -6.38 3.33 -5.34
N LEU D 289 -7.01 2.36 -4.70
CA LEU D 289 -6.71 2.09 -3.29
C LEU D 289 -5.90 0.83 -3.11
N VAL D 290 -5.06 0.88 -2.07
CA VAL D 290 -4.07 -0.12 -1.76
C VAL D 290 -4.28 -0.42 -0.26
N PRO D 291 -4.05 -1.68 0.16
CA PRO D 291 -4.21 -1.97 1.60
C PRO D 291 -3.18 -1.31 2.52
N VAL D 292 -3.67 -0.75 3.63
CA VAL D 292 -2.76 -0.36 4.72
C VAL D 292 -2.20 -1.62 5.41
N LEU D 293 -0.88 -1.77 5.32
CA LEU D 293 -0.20 -2.99 5.75
C LEU D 293 0.00 -3.10 7.28
N THR D 294 -0.09 -4.31 7.80
CA THR D 294 0.16 -4.55 9.24
C THR D 294 1.27 -5.60 9.37
N GLY D 295 1.59 -6.03 10.60
CA GLY D 295 2.62 -7.06 10.79
C GLY D 295 2.31 -8.40 10.14
N ARG D 296 1.02 -8.67 9.94
CA ARG D 296 0.57 -9.84 9.22
C ARG D 296 0.92 -9.81 7.72
N ASN D 297 1.31 -8.64 7.23
CA ASN D 297 1.78 -8.52 5.85
C ASN D 297 3.29 -8.69 5.74
N LEU D 298 3.98 -8.65 6.89
CA LEU D 298 5.44 -8.76 6.94
C LEU D 298 5.88 -10.21 7.15
N LYS D 299 6.79 -10.67 6.30
CA LYS D 299 7.28 -12.05 6.31
C LYS D 299 8.81 -11.99 6.24
N PRO D 300 9.50 -13.08 6.64
CA PRO D 300 10.96 -13.09 6.59
C PRO D 300 11.49 -12.99 5.17
N GLY D 301 11.83 -11.77 4.77
CA GLY D 301 12.46 -11.54 3.47
C GLY D 301 11.50 -11.09 2.39
N TRP D 302 10.22 -11.01 2.71
CA TRP D 302 9.26 -10.55 1.72
C TRP D 302 8.01 -9.94 2.34
N VAL D 303 7.28 -9.19 1.52
CA VAL D 303 6.04 -8.54 1.96
C VAL D 303 4.86 -9.08 1.15
N ASP D 304 3.79 -9.40 1.85
CA ASP D 304 2.51 -9.73 1.23
C ASP D 304 1.70 -8.45 0.99
N TYR D 305 1.54 -8.07 -0.28
CA TYR D 305 0.87 -6.82 -0.63
C TYR D 305 -0.61 -7.03 -0.93
N GLU D 306 -1.01 -8.29 -1.04
CA GLU D 306 -2.35 -8.66 -1.54
C GLU D 306 -3.47 -8.62 -0.51
N LYS D 307 -3.24 -9.25 0.64
CA LYS D 307 -4.27 -9.39 1.67
C LYS D 307 -4.30 -8.22 2.65
N ASN D 308 -5.50 -7.75 2.93
CA ASN D 308 -5.72 -6.63 3.83
C ASN D 308 -6.13 -7.15 5.21
N HIS D 309 -5.34 -6.77 6.21
CA HIS D 309 -5.55 -7.16 7.59
C HIS D 309 -5.98 -5.99 8.49
N SER D 310 -5.82 -4.76 8.02
CA SER D 310 -6.20 -3.55 8.77
C SER D 310 -7.66 -3.10 8.59
N GLY D 311 -8.31 -3.52 7.51
CA GLY D 311 -9.62 -3.00 7.16
C GLY D 311 -9.59 -1.57 6.65
N LEU D 312 -8.41 -1.09 6.28
CA LEU D 312 -8.23 0.28 5.80
C LEU D 312 -7.51 0.28 4.47
N TRP D 313 -7.94 1.20 3.60
CA TRP D 313 -7.41 1.32 2.24
C TRP D 313 -7.10 2.78 1.95
N MET D 314 -6.02 3.03 1.21
CA MET D 314 -5.72 4.39 0.77
C MET D 314 -4.98 4.46 -0.56
N PRO D 315 -5.00 5.63 -1.26
CA PRO D 315 -4.15 5.71 -2.45
C PRO D 315 -2.69 5.62 -2.06
N LYS D 316 -1.93 4.79 -2.78
CA LYS D 316 -0.51 4.61 -2.48
C LYS D 316 0.24 5.96 -2.58
N GLU D 317 -0.14 6.77 -3.57
CA GLU D 317 0.45 8.10 -3.82
C GLU D 317 0.32 9.06 -2.64
N ARG D 318 -0.68 8.83 -1.77
CA ARG D 318 -0.92 9.71 -0.60
C ARG D 318 -0.37 9.19 0.74
N ALA D 319 0.26 8.00 0.73
CA ALA D 319 0.79 7.41 1.95
C ALA D 319 1.86 8.29 2.62
N LYS D 320 2.60 9.02 1.78
CA LYS D 320 3.67 9.89 2.26
C LYS D 320 3.13 11.04 3.13
N GLU D 321 1.83 11.30 3.05
CA GLU D 321 1.23 12.33 3.91
C GLU D 321 1.15 11.88 5.39
N LEU D 322 1.10 10.57 5.64
CA LEU D 322 1.19 10.03 7.01
C LEU D 322 2.63 9.99 7.52
N ARG D 323 3.52 9.39 6.74
CA ARG D 323 4.97 9.41 7.02
C ARG D 323 5.72 9.59 5.71
N ASP D 324 6.65 10.55 5.68
CA ASP D 324 7.36 10.83 4.43
C ASP D 324 8.14 9.62 3.91
N PHE D 325 8.61 8.77 4.80
CA PHE D 325 9.39 7.59 4.39
C PHE D 325 8.54 6.49 3.73
N TYR D 326 7.20 6.64 3.73
CA TYR D 326 6.35 5.70 2.99
C TYR D 326 6.50 5.85 1.48
N ALA D 327 7.06 6.97 1.03
CA ALA D 327 7.33 7.19 -0.40
C ALA D 327 8.62 6.51 -0.88
N THR D 328 9.46 6.08 0.06
CA THR D 328 10.78 5.56 -0.25
C THR D 328 10.86 4.05 0.03
N PRO D 329 11.31 3.24 -0.95
CA PRO D 329 11.56 1.84 -0.62
C PRO D 329 12.57 1.73 0.53
N HIS D 330 12.29 0.89 1.51
CA HIS D 330 13.13 0.85 2.70
C HIS D 330 12.99 -0.45 3.47
N LEU D 331 13.89 -0.61 4.43
CA LEU D 331 13.91 -1.80 5.31
C LEU D 331 12.83 -1.71 6.38
N VAL D 332 11.99 -2.75 6.47
CA VAL D 332 10.98 -2.87 7.53
C VAL D 332 11.34 -4.03 8.46
N VAL D 333 11.25 -3.80 9.78
CA VAL D 333 11.48 -4.85 10.78
C VAL D 333 10.28 -4.98 11.72
N ALA D 334 9.91 -6.23 12.01
CA ALA D 334 8.72 -6.57 12.81
C ALA D 334 8.85 -6.21 14.28
N HIS D 335 7.74 -5.80 14.89
CA HIS D 335 7.72 -5.48 16.32
C HIS D 335 6.96 -6.54 17.15
N THR D 336 5.98 -7.21 16.54
CA THR D 336 5.05 -8.09 17.27
C THR D 336 4.99 -9.50 16.69
N LYS D 337 6.15 -10.15 16.65
CA LYS D 337 6.26 -11.56 16.24
C LYS D 337 7.02 -12.36 17.29
N GLY D 338 6.95 -11.91 18.53
CA GLY D 338 7.72 -12.50 19.61
C GLY D 338 9.16 -11.98 19.61
N THR D 339 10.01 -12.59 20.41
CA THR D 339 11.39 -12.13 20.42
C THR D 339 12.16 -12.83 19.30
N ARG D 340 12.05 -12.22 18.13
CA ARG D 340 12.74 -12.66 16.95
C ARG D 340 13.04 -11.43 16.08
N VAL D 341 13.75 -11.64 14.98
CA VAL D 341 14.07 -10.57 14.05
C VAL D 341 13.56 -11.00 12.68
N VAL D 342 12.49 -10.35 12.23
CA VAL D 342 11.88 -10.62 10.95
C VAL D 342 11.96 -9.33 10.13
N ALA D 343 12.65 -9.39 8.98
CA ALA D 343 12.91 -8.21 8.16
C ALA D 343 12.60 -8.39 6.68
N ALA D 344 12.31 -7.28 6.02
CA ALA D 344 12.09 -7.32 4.59
C ALA D 344 12.27 -5.95 4.01
N TRP D 345 12.63 -5.90 2.73
CA TRP D 345 12.72 -4.64 1.99
C TRP D 345 11.39 -4.44 1.31
N ASP D 346 10.76 -3.31 1.62
CA ASP D 346 9.50 -2.94 1.01
C ASP D 346 9.86 -2.21 -0.29
N GLU D 347 9.94 -2.99 -1.37
CA GLU D 347 10.31 -2.47 -2.68
C GLU D 347 9.26 -1.51 -3.23
N ARG D 348 8.00 -1.73 -2.86
CA ARG D 348 6.89 -0.98 -3.43
C ARG D 348 6.62 0.36 -2.76
N ALA D 349 6.99 0.49 -1.49
CA ALA D 349 6.71 1.67 -0.67
C ALA D 349 5.20 1.87 -0.43
N TYR D 350 4.65 0.98 0.39
CA TYR D 350 3.26 1.02 0.82
C TYR D 350 3.04 1.77 2.13
N PRO D 351 1.77 2.11 2.43
CA PRO D 351 1.45 2.62 3.77
C PRO D 351 1.47 1.46 4.76
N TRP D 352 2.02 1.70 5.95
CA TRP D 352 2.03 0.66 6.98
C TRP D 352 1.40 1.21 8.23
N ARG D 353 0.59 0.37 8.87
CA ARG D 353 -0.04 0.72 10.13
C ARG D 353 0.83 0.20 11.28
N GLU D 354 1.81 -0.64 10.96
CA GLU D 354 2.66 -1.26 11.98
C GLU D 354 4.14 -1.37 11.56
N GLU D 355 4.97 -1.70 12.56
CA GLU D 355 6.39 -2.12 12.44
C GLU D 355 7.44 -1.01 12.53
N PHE D 356 8.72 -1.39 12.58
CA PHE D 356 9.79 -0.41 12.52
C PHE D 356 10.17 -0.12 11.07
N HIS D 357 10.57 1.12 10.83
CA HIS D 357 10.92 1.58 9.48
C HIS D 357 12.28 2.25 9.58
N LEU D 358 13.23 1.63 8.90
CA LEU D 358 14.63 1.94 9.05
C LEU D 358 15.15 2.67 7.83
N LEU D 359 15.68 3.87 8.06
CA LEU D 359 16.15 4.76 7.01
C LEU D 359 17.66 4.99 7.19
N PRO D 360 18.47 4.69 6.15
CA PRO D 360 19.93 4.73 6.35
C PRO D 360 20.42 6.13 6.64
N LYS D 361 21.38 6.24 7.56
CA LYS D 361 21.92 7.55 7.92
C LYS D 361 22.88 8.05 6.85
N GLU D 362 23.14 9.36 6.87
CA GLU D 362 24.08 10.01 5.94
C GLU D 362 25.38 9.23 5.86
N GLY D 363 25.82 8.95 4.64
CA GLY D 363 27.13 8.32 4.39
C GLY D 363 27.20 6.82 4.68
N VAL D 364 26.05 6.21 4.99
CA VAL D 364 25.96 4.77 5.19
C VAL D 364 25.79 4.02 3.85
N ARG D 365 26.66 3.04 3.62
CA ARG D 365 26.57 2.15 2.46
C ARG D 365 25.91 0.83 2.89
N LEU D 366 24.97 0.35 2.08
CA LEU D 366 24.21 -0.86 2.37
C LEU D 366 24.35 -1.92 1.31
N ASP D 367 24.23 -3.17 1.73
CA ASP D 367 23.90 -4.25 0.83
C ASP D 367 22.56 -4.81 1.34
N PRO D 368 21.44 -4.25 0.84
CA PRO D 368 20.12 -4.57 1.39
C PRO D 368 19.77 -6.06 1.41
N SER D 369 19.99 -6.78 0.31
CA SER D 369 19.69 -8.21 0.27
C SER D 369 20.50 -9.03 1.28
N SER D 370 21.69 -8.60 1.41
CA SER D 370 22.50 -9.38 2.34
C SER D 370 22.24 -8.96 3.79
N LEU D 371 22.00 -7.86 4.11
CA LEU D 371 21.58 -7.41 5.42
C LEU D 371 20.28 -8.06 5.84
N VAL D 372 19.31 -8.13 4.92
CA VAL D 372 17.99 -8.78 5.13
C VAL D 372 18.18 -10.26 5.46
N GLN D 373 19.04 -10.92 4.69
CA GLN D 373 19.40 -12.30 4.91
C GLN D 373 20.06 -12.50 6.30
N TRP D 374 20.98 -11.61 6.65
CA TRP D 374 21.60 -11.61 7.97
C TRP D 374 20.56 -11.44 9.10
N LEU D 375 19.72 -10.41 9.02
CA LEU D 375 18.72 -10.15 10.06
C LEU D 375 17.75 -11.33 10.27
N ASN D 376 17.36 -11.97 9.16
CA ASN D 376 16.51 -13.16 9.22
C ASN D 376 17.20 -14.48 9.55
N SER D 377 18.53 -14.44 9.72
CA SER D 377 19.34 -15.65 9.85
C SER D 377 19.11 -16.35 11.19
N GLU D 378 19.37 -17.66 11.22
CA GLU D 378 19.24 -18.48 12.44
C GLU D 378 20.11 -17.97 13.58
N ALA D 379 21.34 -17.53 13.25
CA ALA D 379 22.26 -16.98 14.25
C ALA D 379 21.68 -15.73 14.93
N MET D 380 20.95 -14.93 14.16
CA MET D 380 20.27 -13.71 14.67
C MET D 380 19.05 -14.02 15.57
N GLN D 381 18.30 -15.05 15.22
CA GLN D 381 17.16 -15.49 16.04
C GLN D 381 17.65 -16.07 17.38
N LYS D 382 18.69 -16.89 17.34
CA LYS D 382 19.27 -17.47 18.57
C LYS D 382 19.88 -16.37 19.45
N HIS D 383 20.53 -15.39 18.82
CA HIS D 383 21.02 -14.19 19.50
C HIS D 383 19.94 -13.47 20.35
N VAL D 384 18.80 -13.14 19.77
CA VAL D 384 17.78 -12.40 20.52
C VAL D 384 17.05 -13.27 21.55
N ARG D 385 16.91 -14.56 21.22
CA ARG D 385 16.28 -15.55 22.11
C ARG D 385 17.07 -15.74 23.39
N THR D 386 18.39 -15.84 23.26
CA THR D 386 19.32 -15.95 24.39
C THR D 386 19.21 -14.73 25.31
N LEU D 387 19.31 -13.55 24.71
CA LEU D 387 19.39 -12.31 25.46
C LEU D 387 18.10 -11.97 26.18
N TYR D 388 16.97 -12.16 25.51
CA TYR D 388 15.70 -11.59 25.95
C TYR D 388 14.63 -12.62 26.27
N ARG D 389 14.93 -13.89 26.03
CA ARG D 389 13.99 -15.00 26.22
C ARG D 389 12.57 -14.64 25.77
N ASP D 390 11.63 -14.76 26.69
CA ASP D 390 10.23 -14.41 26.41
C ASP D 390 9.71 -13.32 27.34
N PHE D 391 10.61 -12.44 27.80
CA PHE D 391 10.22 -11.33 28.71
C PHE D 391 9.03 -10.54 28.16
N VAL D 392 9.06 -10.25 26.86
CA VAL D 392 8.01 -9.48 26.21
C VAL D 392 7.68 -10.08 24.83
N PRO D 393 6.43 -9.90 24.35
CA PRO D 393 6.04 -10.45 23.03
C PRO D 393 6.47 -9.61 21.80
N HIS D 394 7.66 -9.03 21.86
CA HIS D 394 8.08 -8.06 20.84
C HIS D 394 9.58 -8.11 20.65
N LEU D 395 10.03 -7.68 19.49
CA LEU D 395 11.35 -7.06 19.39
C LEU D 395 11.12 -5.57 19.63
N THR D 396 11.70 -5.02 20.70
CA THR D 396 11.55 -3.60 21.04
C THR D 396 12.68 -2.77 20.43
N LEU D 397 12.51 -1.45 20.45
CA LEU D 397 13.52 -0.54 19.90
C LEU D 397 14.92 -0.75 20.50
N ARG D 398 14.95 -0.95 21.82
CA ARG D 398 16.18 -1.06 22.58
C ARG D 398 16.94 -2.34 22.23
N MET D 399 16.20 -3.39 21.83
CA MET D 399 16.80 -4.64 21.33
C MET D 399 17.30 -4.39 19.91
N LEU D 400 16.42 -3.82 19.09
CA LEU D 400 16.65 -3.60 17.65
C LEU D 400 17.92 -2.77 17.41
N GLU D 401 18.04 -1.66 18.14
CA GLU D 401 19.19 -0.74 18.06
C GLU D 401 20.54 -1.42 18.25
N ARG D 402 20.57 -2.43 19.12
CA ARG D 402 21.82 -3.14 19.45
C ARG D 402 22.15 -4.32 18.53
N LEU D 403 21.34 -4.64 17.53
CA LEU D 403 21.68 -5.79 16.68
C LEU D 403 22.98 -5.54 15.92
N PRO D 404 23.96 -6.46 16.04
CA PRO D 404 25.27 -6.27 15.38
C PRO D 404 25.20 -6.48 13.86
N VAL D 405 25.81 -5.54 13.13
CA VAL D 405 25.91 -5.60 11.66
C VAL D 405 27.38 -5.58 11.15
N ARG D 406 27.85 -6.69 10.59
CA ARG D 406 29.15 -6.77 9.86
C ARG D 406 29.37 -5.67 8.80
N ARG D 407 30.64 -5.43 8.47
CA ARG D 407 31.03 -4.45 7.44
C ARG D 407 30.44 -4.75 6.06
N GLU D 408 30.29 -6.03 5.74
CA GLU D 408 29.90 -6.47 4.40
C GLU D 408 28.41 -6.26 4.08
N TYR D 409 27.60 -6.10 5.12
CA TYR D 409 26.15 -5.88 4.99
C TYR D 409 25.81 -4.39 5.02
N GLY D 410 26.54 -3.67 5.86
CA GLY D 410 26.32 -2.25 6.05
C GLY D 410 27.50 -1.72 6.82
N PHE D 411 27.97 -0.55 6.41
CA PHE D 411 29.21 -0.03 6.91
C PHE D 411 29.11 1.47 6.92
N HIS D 412 29.34 2.06 8.09
CA HIS D 412 29.37 3.49 8.23
C HIS D 412 30.78 3.98 7.94
N THR D 413 30.89 4.87 6.97
CA THR D 413 32.17 5.48 6.62
C THR D 413 32.21 6.92 7.12
N SER D 414 33.24 7.40 7.63
#